data_8K7K
#
_entry.id   8K7K
#
_cell.length_a   90.399
_cell.length_b   90.399
_cell.length_c   216.201
_cell.angle_alpha   90.000
_cell.angle_beta   90.000
_cell.angle_gamma   120.000
#
_symmetry.space_group_name_H-M   'P 32 2 1'
#
loop_
_entity.id
_entity.type
_entity.pdbx_description
1 polymer 'Alpha-galactosidase A'
2 branched alpha-D-mannopyranose-(1-3)-beta-D-mannopyranose-(1-4)-2-acetamido-2-deoxy-beta-D-glucopyranose-(1-4)-2-acetamido-2-deoxy-beta-D-glucopyranose
3 branched 2-acetamido-2-deoxy-beta-D-glucopyranose-(1-4)-2-acetamido-2-deoxy-beta-D-glucopyranose
4 non-polymer 2-acetamido-2-deoxy-beta-D-glucopyranose
5 non-polymer (2~{R},3~{S},4~{R},5~{R})-2,5-bis(hydroxymethyl)-1-methyl-pyrrolidine-3,4-diol
6 non-polymer 'SULFATE ION'
7 water water
#
_entity_poly.entity_id   1
_entity_poly.type   'polypeptide(L)'
_entity_poly.pdbx_seq_one_letter_code
;LDNGLARTPTMGWLHWERFMCNLDCQEEPDSCISEKLFMEMAELMVSEGWKDAGYEYLCIDDCWMAPQRDSEGRLQADPQ
RFPHGIRQLANYVHSKGLKLGIYADVGNKTCAGFPGSFGYYDIDAQTFADWGVDLLKFDGCYCDSLENLADGYKHMSLAL
NRTGRSIVYSCEWPLYMWPFQKPNYTEIRQYCNHWRNFADIDDSWKSIKSILDWTSFNQERIVDVAGPGGWNDPDMLVIG
NFGLSWNQQVTQMALWAIMAAPLFMSNDLRHISPQAKALLQDKDVIAINQDPLGKQGYQLRQGDNFEVWERPLSGLAWAV
AMINRQEIGGPRSYTIAVASLGKGVACNPACFITQLLPVKRKLGFYEWTSRLRSHINPTGTVLLQLENTMQMSLKDLL
;
_entity_poly.pdbx_strand_id   A,B
#
# COMPACT_ATOMS: atom_id res chain seq x y z
N LEU A 1 -25.41 -18.95 -15.79
CA LEU A 1 -25.38 -19.92 -16.91
C LEU A 1 -25.66 -21.33 -16.38
N ASP A 2 -26.70 -21.97 -16.89
CA ASP A 2 -27.15 -23.27 -16.37
C ASP A 2 -26.41 -24.44 -17.04
N ASN A 3 -25.09 -24.44 -16.94
CA ASN A 3 -24.29 -25.57 -17.43
C ASN A 3 -23.83 -26.48 -16.30
N GLY A 4 -24.33 -26.28 -15.08
CA GLY A 4 -23.91 -27.12 -13.97
C GLY A 4 -22.56 -26.79 -13.39
N LEU A 5 -21.89 -25.76 -13.90
CA LEU A 5 -20.56 -25.38 -13.43
C LEU A 5 -20.65 -24.11 -12.59
N ALA A 6 -19.54 -23.78 -11.92
CA ALA A 6 -19.47 -22.58 -11.07
C ALA A 6 -20.67 -22.51 -10.12
N ARG A 7 -21.03 -23.66 -9.56
CA ARG A 7 -22.04 -23.69 -8.52
C ARG A 7 -21.56 -22.99 -7.26
N THR A 8 -20.25 -22.91 -7.05
CA THR A 8 -19.64 -21.94 -6.16
C THR A 8 -18.67 -21.11 -6.99
N PRO A 9 -18.25 -19.94 -6.50
CA PRO A 9 -17.36 -19.11 -7.31
C PRO A 9 -16.11 -19.87 -7.73
N THR A 10 -15.74 -19.75 -9.00
CA THR A 10 -14.54 -20.43 -9.50
C THR A 10 -13.30 -20.00 -8.72
N MET A 11 -12.42 -20.96 -8.43
CA MET A 11 -11.16 -20.69 -7.74
C MET A 11 -10.00 -21.19 -8.58
N GLY A 12 -8.95 -20.38 -8.70
CA GLY A 12 -7.81 -20.77 -9.49
C GLY A 12 -6.71 -19.73 -9.54
N TRP A 13 -5.97 -19.72 -10.65
CA TRP A 13 -4.82 -18.84 -10.83
C TRP A 13 -4.86 -18.35 -12.26
N LEU A 14 -4.52 -17.07 -12.45
CA LEU A 14 -4.63 -16.41 -13.75
C LEU A 14 -3.41 -15.54 -13.93
N HIS A 15 -2.71 -15.65 -15.07
CA HIS A 15 -1.36 -15.04 -15.15
C HIS A 15 -1.36 -13.52 -15.26
N TRP A 16 -2.47 -12.88 -15.60
CA TRP A 16 -2.38 -11.55 -16.25
C TRP A 16 -1.75 -10.48 -15.36
N GLU A 17 -2.28 -10.26 -14.15
CA GLU A 17 -1.83 -9.10 -13.38
C GLU A 17 -0.34 -9.18 -13.08
N ARG A 18 0.14 -10.36 -12.68
CA ARG A 18 1.53 -10.50 -12.28
C ARG A 18 2.46 -10.61 -13.50
N PHE A 19 2.05 -11.32 -14.56
CA PHE A 19 2.97 -11.60 -15.67
C PHE A 19 2.65 -10.89 -16.98
N MET A 20 1.42 -10.45 -17.19
CA MET A 20 1.04 -9.48 -18.25
C MET A 20 1.34 -10.10 -19.62
N CYS A 21 1.84 -9.32 -20.56
CA CYS A 21 2.12 -9.81 -21.91
C CYS A 21 3.62 -9.86 -22.15
N ASN A 22 4.37 -10.53 -21.29
CA ASN A 22 5.81 -10.59 -21.40
C ASN A 22 6.21 -11.66 -22.43
N LEU A 23 6.63 -11.23 -23.60
CA LEU A 23 7.02 -12.13 -24.68
C LEU A 23 8.53 -12.37 -24.78
N ASP A 24 9.32 -11.78 -23.88
CA ASP A 24 10.78 -11.79 -24.02
C ASP A 24 11.38 -12.97 -23.28
N CYS A 25 11.31 -14.15 -23.91
CA CYS A 25 11.87 -15.34 -23.27
C CYS A 25 13.38 -15.39 -23.33
N GLN A 26 14.02 -14.58 -24.18
CA GLN A 26 15.48 -14.55 -24.24
C GLN A 26 16.08 -13.91 -23.00
N GLU A 27 15.58 -12.72 -22.64
CA GLU A 27 16.09 -11.98 -21.50
C GLU A 27 15.35 -12.29 -20.20
N GLU A 28 14.10 -12.74 -20.27
CA GLU A 28 13.31 -13.05 -19.08
C GLU A 28 12.69 -14.44 -19.20
N PRO A 29 13.51 -15.49 -19.30
CA PRO A 29 12.94 -16.83 -19.53
C PRO A 29 12.02 -17.32 -18.43
N ASP A 30 12.21 -16.86 -17.21
CA ASP A 30 11.43 -17.33 -16.08
C ASP A 30 10.17 -16.51 -15.84
N SER A 31 9.95 -15.45 -16.61
CA SER A 31 8.75 -14.65 -16.43
C SER A 31 7.95 -14.46 -17.72
N CYS A 32 8.46 -14.92 -18.86
CA CYS A 32 7.71 -14.77 -20.09
C CYS A 32 6.54 -15.74 -20.11
N ILE A 33 5.58 -15.45 -20.97
CA ILE A 33 4.36 -16.24 -21.03
C ILE A 33 4.67 -17.49 -21.84
N SER A 34 4.79 -18.63 -21.15
CA SER A 34 5.27 -19.83 -21.81
C SER A 34 4.66 -21.06 -21.15
N GLU A 35 4.72 -22.15 -21.88
CA GLU A 35 4.29 -23.44 -21.38
C GLU A 35 4.99 -23.78 -20.08
N LYS A 36 6.29 -23.46 -19.98
CA LYS A 36 7.06 -23.76 -18.78
C LYS A 36 6.52 -23.00 -17.56
N LEU A 37 6.16 -21.73 -17.73
CA LEU A 37 5.58 -20.97 -16.63
C LEU A 37 4.33 -21.66 -16.07
N PHE A 38 3.44 -22.11 -16.96
CA PHE A 38 2.21 -22.75 -16.49
C PHE A 38 2.46 -24.13 -15.89
N MET A 39 3.44 -24.88 -16.42
CA MET A 39 3.81 -26.15 -15.78
C MET A 39 4.33 -25.93 -14.37
N GLU A 40 5.17 -24.90 -14.17
CA GLU A 40 5.70 -24.63 -12.84
C GLU A 40 4.58 -24.25 -11.88
N MET A 41 3.64 -23.40 -12.33
CA MET A 41 2.51 -23.05 -11.47
C MET A 41 1.66 -24.27 -11.14
N ALA A 42 1.42 -25.15 -12.12
CA ALA A 42 0.63 -26.35 -11.87
C ALA A 42 1.28 -27.25 -10.82
N GLU A 43 2.59 -27.43 -10.92
CA GLU A 43 3.31 -28.24 -9.94
C GLU A 43 3.15 -27.67 -8.55
N LEU A 44 3.35 -26.36 -8.42
CA LEU A 44 3.24 -25.74 -7.10
C LEU A 44 1.79 -25.74 -6.59
N MET A 45 0.80 -25.55 -7.47
CA MET A 45 -0.58 -25.64 -7.04
C MET A 45 -0.85 -26.98 -6.36
N VAL A 46 -0.26 -28.06 -6.90
CA VAL A 46 -0.38 -29.35 -6.22
C VAL A 46 0.46 -29.36 -4.94
N SER A 47 1.75 -29.05 -5.04
CA SER A 47 2.67 -29.38 -3.95
C SER A 47 2.60 -28.40 -2.78
N GLU A 48 2.16 -27.16 -3.00
CA GLU A 48 2.09 -26.16 -1.94
C GLU A 48 0.68 -25.99 -1.36
N GLY A 49 -0.21 -26.96 -1.61
CA GLY A 49 -1.52 -26.99 -0.96
C GLY A 49 -2.60 -26.13 -1.60
N TRP A 50 -2.33 -25.50 -2.75
CA TRP A 50 -3.34 -24.62 -3.36
C TRP A 50 -4.57 -25.40 -3.82
N LYS A 51 -4.34 -26.55 -4.46
CA LYS A 51 -5.44 -27.38 -4.93
C LYS A 51 -6.28 -27.91 -3.77
N ASP A 52 -5.61 -28.40 -2.72
CA ASP A 52 -6.31 -28.82 -1.51
C ASP A 52 -7.17 -27.69 -0.94
N ALA A 53 -6.68 -26.45 -1.03
CA ALA A 53 -7.47 -25.34 -0.50
C ALA A 53 -8.65 -24.99 -1.41
N GLY A 54 -8.67 -25.50 -2.64
CA GLY A 54 -9.78 -25.28 -3.55
C GLY A 54 -9.37 -24.62 -4.86
N TYR A 55 -8.17 -24.09 -5.00
CA TYR A 55 -7.77 -23.44 -6.25
C TYR A 55 -7.51 -24.52 -7.30
N GLU A 56 -8.37 -24.62 -8.30
CA GLU A 56 -8.41 -25.75 -9.23
CA GLU A 56 -8.28 -25.74 -9.22
C GLU A 56 -8.14 -25.38 -10.69
N TYR A 57 -8.47 -24.14 -11.10
CA TYR A 57 -8.36 -23.71 -12.49
C TYR A 57 -7.05 -22.95 -12.71
N LEU A 58 -6.16 -23.52 -13.49
CA LEU A 58 -4.92 -22.86 -13.89
C LEU A 58 -5.18 -22.19 -15.23
N CYS A 59 -5.18 -20.86 -15.24
CA CYS A 59 -5.75 -20.11 -16.37
C CYS A 59 -4.72 -19.29 -17.14
N ILE A 60 -4.77 -19.41 -18.45
CA ILE A 60 -3.97 -18.62 -19.39
C ILE A 60 -4.77 -17.38 -19.77
N ASP A 61 -4.13 -16.21 -19.71
CA ASP A 61 -4.78 -14.98 -20.14
C ASP A 61 -4.24 -14.65 -21.53
N ASP A 62 -4.26 -13.37 -21.91
CA ASP A 62 -3.88 -12.95 -23.26
C ASP A 62 -2.39 -13.23 -23.50
N CYS A 63 -2.01 -13.26 -24.78
CA CYS A 63 -0.63 -13.42 -25.24
C CYS A 63 -0.11 -14.85 -25.19
N TRP A 64 -0.99 -15.83 -25.37
CA TRP A 64 -0.56 -17.20 -25.60
C TRP A 64 -0.53 -17.57 -27.08
N MET A 65 -1.15 -16.76 -27.93
CA MET A 65 -1.42 -17.16 -29.30
C MET A 65 -0.22 -16.91 -30.21
N ALA A 66 -0.09 -17.74 -31.24
CA ALA A 66 0.75 -17.37 -32.37
C ALA A 66 0.14 -16.16 -33.09
N PRO A 67 0.95 -15.41 -33.85
CA PRO A 67 0.41 -14.21 -34.51
C PRO A 67 -0.71 -14.48 -35.50
N GLN A 68 -0.81 -15.68 -36.06
CA GLN A 68 -1.80 -15.95 -37.09
C GLN A 68 -2.42 -17.31 -36.84
N ARG A 69 -3.61 -17.49 -37.40
CA ARG A 69 -4.27 -18.78 -37.39
C ARG A 69 -3.51 -19.77 -38.28
N ASP A 70 -3.84 -21.05 -38.14
CA ASP A 70 -3.12 -22.06 -38.90
C ASP A 70 -3.75 -22.19 -40.29
N SER A 71 -3.29 -23.20 -41.04
CA SER A 71 -3.75 -23.42 -42.41
C SER A 71 -5.25 -23.67 -42.44
N GLU A 72 -5.77 -24.37 -41.45
CA GLU A 72 -7.19 -24.70 -41.37
C GLU A 72 -8.02 -23.59 -40.73
N GLY A 73 -7.41 -22.43 -40.45
CA GLY A 73 -8.13 -21.32 -39.85
C GLY A 73 -8.34 -21.41 -38.36
N ARG A 74 -7.58 -22.24 -37.66
CA ARG A 74 -7.76 -22.38 -36.22
C ARG A 74 -6.69 -21.60 -35.46
N LEU A 75 -7.05 -21.21 -34.24
CA LEU A 75 -6.07 -20.63 -33.31
C LEU A 75 -4.97 -21.65 -33.04
N GLN A 76 -3.74 -21.15 -32.87
CA GLN A 76 -2.64 -21.98 -32.45
C GLN A 76 -1.84 -21.24 -31.40
N ALA A 77 -1.25 -21.98 -30.47
CA ALA A 77 -0.42 -21.36 -29.46
C ALA A 77 0.92 -20.97 -30.10
N ASP A 78 1.61 -20.02 -29.48
CA ASP A 78 2.88 -19.59 -30.04
C ASP A 78 3.84 -20.79 -30.14
N PRO A 79 4.43 -21.05 -31.31
CA PRO A 79 5.25 -22.26 -31.46
C PRO A 79 6.53 -22.24 -30.63
N GLN A 80 7.10 -21.07 -30.35
CA GLN A 80 8.29 -21.05 -29.50
C GLN A 80 7.94 -21.07 -28.02
N ARG A 81 6.93 -20.32 -27.60
CA ARG A 81 6.64 -20.25 -26.17
C ARG A 81 5.76 -21.41 -25.69
N PHE A 82 4.98 -22.02 -26.58
CA PHE A 82 4.15 -23.17 -26.25
C PHE A 82 4.46 -24.30 -27.22
N PRO A 83 5.70 -24.83 -27.17
CA PRO A 83 6.14 -25.75 -28.25
C PRO A 83 5.32 -27.04 -28.34
N HIS A 84 4.72 -27.51 -27.26
CA HIS A 84 3.91 -28.74 -27.32
C HIS A 84 2.43 -28.45 -27.54
N GLY A 85 2.02 -27.20 -27.58
CA GLY A 85 0.63 -26.87 -27.87
C GLY A 85 -0.28 -27.02 -26.67
N ILE A 86 -1.49 -26.44 -26.83
CA ILE A 86 -2.38 -26.32 -25.68
C ILE A 86 -2.92 -27.68 -25.26
N ARG A 87 -3.29 -28.53 -26.22
CA ARG A 87 -3.88 -29.81 -25.83
C ARG A 87 -2.94 -30.58 -24.90
N GLN A 88 -1.65 -30.55 -25.22
CA GLN A 88 -0.65 -31.24 -24.41
C GLN A 88 -0.49 -30.58 -23.03
N LEU A 89 -0.50 -29.23 -22.98
CA LEU A 89 -0.46 -28.59 -21.67
C LEU A 89 -1.70 -28.96 -20.83
N ALA A 90 -2.87 -28.97 -21.46
CA ALA A 90 -4.10 -29.39 -20.78
C ALA A 90 -3.98 -30.83 -20.28
N ASN A 91 -3.38 -31.72 -21.09
CA ASN A 91 -3.13 -33.09 -20.62
C ASN A 91 -2.31 -33.10 -19.35
N TYR A 92 -1.21 -32.35 -19.34
CA TYR A 92 -0.37 -32.28 -18.14
C TYR A 92 -1.16 -31.76 -16.94
N VAL A 93 -1.88 -30.66 -17.13
CA VAL A 93 -2.60 -30.04 -16.02
C VAL A 93 -3.67 -30.99 -15.47
N HIS A 94 -4.38 -31.67 -16.37
CA HIS A 94 -5.33 -32.70 -15.96
C HIS A 94 -4.65 -33.83 -15.20
N SER A 95 -3.42 -34.21 -15.61
CA SER A 95 -2.75 -35.28 -14.88
C SER A 95 -2.46 -34.87 -13.44
N LYS A 96 -2.46 -33.57 -13.13
CA LYS A 96 -2.31 -33.08 -11.77
C LYS A 96 -3.64 -32.93 -11.03
N GLY A 97 -4.76 -33.34 -11.64
CA GLY A 97 -6.03 -33.09 -11.00
C GLY A 97 -6.50 -31.64 -11.04
N LEU A 98 -5.96 -30.84 -11.95
CA LEU A 98 -6.35 -29.44 -12.14
C LEU A 98 -7.10 -29.28 -13.46
N LYS A 99 -7.63 -28.07 -13.68
CA LYS A 99 -8.32 -27.73 -14.91
C LYS A 99 -7.62 -26.56 -15.57
N LEU A 100 -7.77 -26.47 -16.90
CA LEU A 100 -7.05 -25.46 -17.68
C LEU A 100 -8.01 -24.42 -18.23
N GLY A 101 -7.69 -23.15 -17.98
CA GLY A 101 -8.43 -22.03 -18.55
C GLY A 101 -7.62 -21.39 -19.66
N ILE A 102 -8.32 -20.86 -20.66
CA ILE A 102 -7.69 -20.16 -21.77
C ILE A 102 -8.43 -18.84 -22.01
N TYR A 103 -7.93 -18.06 -22.95
CA TYR A 103 -8.40 -16.70 -23.18
C TYR A 103 -8.68 -16.51 -24.66
N ALA A 104 -9.75 -15.78 -24.99
CA ALA A 104 -9.99 -15.33 -26.35
C ALA A 104 -10.71 -14.00 -26.28
N ASP A 105 -11.03 -13.43 -27.44
CA ASP A 105 -11.64 -12.11 -27.54
C ASP A 105 -12.80 -12.14 -28.53
N VAL A 106 -13.91 -11.53 -28.15
CA VAL A 106 -15.14 -11.52 -28.95
C VAL A 106 -14.97 -10.75 -30.26
N GLY A 107 -14.01 -9.82 -30.32
CA GLY A 107 -13.84 -8.95 -31.47
C GLY A 107 -12.84 -9.48 -32.48
N ASN A 108 -12.28 -8.55 -33.26
CA ASN A 108 -11.40 -8.91 -34.34
C ASN A 108 -9.97 -9.17 -33.89
N LYS A 109 -9.58 -8.66 -32.73
CA LYS A 109 -8.27 -8.95 -32.14
C LYS A 109 -8.42 -9.05 -30.64
N THR A 110 -7.47 -9.74 -30.00
CA THR A 110 -7.41 -9.63 -28.56
C THR A 110 -6.92 -8.24 -28.18
N CYS A 111 -7.09 -7.90 -26.90
CA CYS A 111 -6.66 -6.57 -26.47
C CYS A 111 -5.18 -6.33 -26.74
N ALA A 112 -4.36 -7.37 -26.68
CA ALA A 112 -2.95 -7.20 -26.95
C ALA A 112 -2.59 -7.33 -28.43
N GLY A 113 -3.58 -7.57 -29.29
CA GLY A 113 -3.35 -7.56 -30.73
C GLY A 113 -3.26 -8.91 -31.42
N PHE A 114 -3.56 -10.00 -30.72
CA PHE A 114 -3.50 -11.34 -31.30
C PHE A 114 -4.86 -11.69 -31.91
N PRO A 115 -4.97 -12.83 -32.62
CA PRO A 115 -6.20 -13.09 -33.39
C PRO A 115 -7.47 -13.08 -32.52
N GLY A 116 -8.47 -12.30 -32.96
CA GLY A 116 -9.78 -12.31 -32.34
C GLY A 116 -10.66 -13.42 -32.88
N SER A 117 -11.78 -13.64 -32.20
CA SER A 117 -12.64 -14.78 -32.54
C SER A 117 -13.84 -14.39 -33.39
N PHE A 118 -14.08 -13.11 -33.62
CA PHE A 118 -15.18 -12.70 -34.48
C PHE A 118 -15.09 -13.41 -35.82
N GLY A 119 -16.21 -13.96 -36.27
CA GLY A 119 -16.22 -14.78 -37.46
C GLY A 119 -15.74 -16.21 -37.29
N TYR A 120 -15.21 -16.58 -36.12
CA TYR A 120 -14.69 -17.91 -35.86
C TYR A 120 -15.25 -18.52 -34.56
N TYR A 121 -16.41 -18.06 -34.10
CA TYR A 121 -16.87 -18.45 -32.76
C TYR A 121 -17.03 -19.97 -32.65
N ASP A 122 -17.67 -20.60 -33.65
CA ASP A 122 -17.90 -22.05 -33.54
C ASP A 122 -16.61 -22.84 -33.70
N ILE A 123 -15.78 -22.47 -34.68
CA ILE A 123 -14.48 -23.11 -34.83
C ILE A 123 -13.67 -22.96 -33.55
N ASP A 124 -13.68 -21.77 -32.95
CA ASP A 124 -12.85 -21.56 -31.77
C ASP A 124 -13.37 -22.36 -30.59
N ALA A 125 -14.69 -22.40 -30.39
CA ALA A 125 -15.25 -23.22 -29.32
C ALA A 125 -14.87 -24.69 -29.49
N GLN A 126 -15.02 -25.22 -30.71
CA GLN A 126 -14.70 -26.63 -30.94
C GLN A 126 -13.21 -26.90 -30.77
N THR A 127 -12.38 -25.96 -31.20
CA THR A 127 -10.94 -26.07 -30.96
C THR A 127 -10.64 -26.17 -29.47
N PHE A 128 -11.21 -25.25 -28.66
CA PHE A 128 -10.96 -25.29 -27.23
C PHE A 128 -11.42 -26.61 -26.63
N ALA A 129 -12.59 -27.11 -27.07
CA ALA A 129 -13.09 -28.37 -26.55
C ALA A 129 -12.16 -29.54 -26.92
N ASP A 130 -11.73 -29.58 -28.18
CA ASP A 130 -10.80 -30.61 -28.64
C ASP A 130 -9.49 -30.55 -27.87
N TRP A 131 -9.06 -29.36 -27.45
CA TRP A 131 -7.83 -29.24 -26.67
C TRP A 131 -8.00 -29.69 -25.23
N GLY A 132 -9.21 -29.92 -24.75
CA GLY A 132 -9.40 -30.20 -23.34
C GLY A 132 -9.49 -28.99 -22.44
N VAL A 133 -9.77 -27.81 -23.00
CA VAL A 133 -9.93 -26.60 -22.19
C VAL A 133 -11.13 -26.74 -21.25
N ASP A 134 -10.99 -26.27 -20.03
CA ASP A 134 -12.05 -26.33 -19.02
C ASP A 134 -12.68 -24.98 -18.69
N LEU A 135 -12.11 -23.88 -19.18
CA LEU A 135 -12.64 -22.56 -18.86
C LEU A 135 -12.18 -21.61 -19.96
N LEU A 136 -13.04 -20.66 -20.31
CA LEU A 136 -12.71 -19.64 -21.29
C LEU A 136 -13.00 -18.26 -20.69
N LYS A 137 -11.97 -17.42 -20.61
CA LYS A 137 -12.15 -15.99 -20.38
C LYS A 137 -12.24 -15.26 -21.74
N PHE A 138 -13.30 -14.48 -21.93
CA PHE A 138 -13.66 -13.95 -23.24
C PHE A 138 -13.69 -12.42 -23.18
N ASP A 139 -12.63 -11.80 -23.69
CA ASP A 139 -12.39 -10.36 -23.60
C ASP A 139 -13.20 -9.61 -24.67
N GLY A 140 -13.26 -8.28 -24.52
CA GLY A 140 -14.14 -7.47 -25.36
C GLY A 140 -13.50 -6.44 -26.29
N CYS A 141 -12.18 -6.44 -26.49
CA CYS A 141 -11.55 -5.41 -27.32
C CYS A 141 -11.88 -5.59 -28.81
N TYR A 142 -11.72 -4.50 -29.57
CA TYR A 142 -11.83 -4.52 -31.03
C TYR A 142 -13.18 -5.07 -31.51
N CYS A 143 -14.23 -4.57 -30.89
CA CYS A 143 -15.60 -4.89 -31.25
C CYS A 143 -16.30 -3.59 -31.63
N ASP A 144 -16.79 -3.51 -32.86
CA ASP A 144 -17.19 -2.21 -33.38
C ASP A 144 -18.63 -1.82 -33.07
N SER A 145 -19.41 -2.65 -32.39
CA SER A 145 -20.78 -2.25 -32.06
C SER A 145 -21.28 -3.03 -30.86
N LEU A 146 -22.23 -2.42 -30.14
CA LEU A 146 -22.87 -3.08 -29.00
C LEU A 146 -23.64 -4.31 -29.44
N GLU A 147 -24.20 -4.27 -30.66
CA GLU A 147 -24.88 -5.43 -31.20
C GLU A 147 -23.91 -6.57 -31.47
N ASN A 148 -22.74 -6.27 -32.06
CA ASN A 148 -21.73 -7.31 -32.26
C ASN A 148 -21.22 -7.83 -30.92
N LEU A 149 -21.04 -6.94 -29.94
CA LEU A 149 -20.64 -7.36 -28.60
C LEU A 149 -21.63 -8.37 -28.02
N ALA A 150 -22.90 -7.99 -27.95
CA ALA A 150 -23.92 -8.87 -27.37
C ALA A 150 -24.04 -10.16 -28.15
N ASP A 151 -24.17 -10.06 -29.48
CA ASP A 151 -24.34 -11.26 -30.30
C ASP A 151 -23.13 -12.17 -30.19
N GLY A 152 -21.93 -11.60 -30.07
CA GLY A 152 -20.74 -12.43 -29.95
C GLY A 152 -20.67 -13.16 -28.62
N TYR A 153 -20.99 -12.47 -27.52
CA TYR A 153 -20.98 -13.17 -26.22
C TYR A 153 -22.04 -14.28 -26.20
N LYS A 154 -23.23 -14.01 -26.73
CA LYS A 154 -24.26 -15.06 -26.77
C LYS A 154 -23.86 -16.21 -27.69
N HIS A 155 -23.37 -15.89 -28.89
CA HIS A 155 -22.98 -16.92 -29.85
C HIS A 155 -21.90 -17.81 -29.28
N MET A 156 -20.88 -17.23 -28.64
CA MET A 156 -19.84 -18.06 -28.05
C MET A 156 -20.40 -18.91 -26.92
N SER A 157 -21.32 -18.36 -26.12
CA SER A 157 -21.93 -19.18 -25.07
C SER A 157 -22.59 -20.42 -25.67
N LEU A 158 -23.38 -20.21 -26.73
CA LEU A 158 -24.07 -21.32 -27.38
C LEU A 158 -23.09 -22.30 -28.00
N ALA A 159 -22.05 -21.80 -28.67
CA ALA A 159 -21.07 -22.68 -29.32
C ALA A 159 -20.35 -23.54 -28.31
N LEU A 160 -20.00 -22.96 -27.15
CA LEU A 160 -19.40 -23.77 -26.09
C LEU A 160 -20.36 -24.87 -25.67
N ASN A 161 -21.62 -24.52 -25.40
CA ASN A 161 -22.60 -25.55 -25.08
C ASN A 161 -22.61 -26.64 -26.14
N ARG A 162 -22.63 -26.25 -27.42
CA ARG A 162 -22.78 -27.22 -28.50
C ARG A 162 -21.60 -28.16 -28.60
N THR A 163 -20.41 -27.78 -28.11
CA THR A 163 -19.30 -28.73 -28.14
C THR A 163 -19.57 -29.97 -27.30
N GLY A 164 -20.43 -29.86 -26.28
CA GLY A 164 -20.62 -30.97 -25.37
C GLY A 164 -19.64 -31.05 -24.21
N ARG A 165 -18.56 -30.27 -24.22
CA ARG A 165 -17.63 -30.26 -23.09
C ARG A 165 -18.04 -29.20 -22.09
N SER A 166 -17.89 -29.53 -20.80
CA SER A 166 -18.15 -28.57 -19.73
C SER A 166 -17.04 -27.52 -19.69
N ILE A 167 -17.38 -26.26 -19.97
CA ILE A 167 -16.39 -25.18 -20.00
C ILE A 167 -16.95 -23.97 -19.27
N VAL A 168 -16.30 -23.57 -18.18
CA VAL A 168 -16.68 -22.34 -17.50
C VAL A 168 -16.51 -21.18 -18.46
N TYR A 169 -17.52 -20.33 -18.53
CA TYR A 169 -17.57 -19.22 -19.48
C TYR A 169 -17.49 -17.91 -18.71
N SER A 170 -16.34 -17.28 -18.79
CA SER A 170 -16.04 -16.05 -18.08
C SER A 170 -16.11 -14.91 -19.09
N CYS A 171 -17.02 -13.96 -18.89
CA CYS A 171 -17.33 -12.91 -19.86
C CYS A 171 -16.86 -11.53 -19.37
N GLU A 172 -16.49 -10.66 -20.31
CA GLU A 172 -16.27 -9.26 -19.96
C GLU A 172 -17.35 -8.36 -20.56
N TRP A 173 -18.45 -8.94 -20.96
CA TRP A 173 -19.59 -8.28 -21.58
C TRP A 173 -20.03 -7.01 -20.84
N PRO A 174 -20.38 -7.06 -19.53
CA PRO A 174 -20.83 -5.81 -18.87
C PRO A 174 -19.79 -4.72 -18.88
N LEU A 175 -18.54 -5.06 -18.58
CA LEU A 175 -17.48 -4.04 -18.55
C LEU A 175 -17.41 -3.27 -19.87
N TYR A 176 -17.45 -3.98 -21.00
CA TYR A 176 -17.35 -3.28 -22.28
C TYR A 176 -18.65 -2.59 -22.70
N MET A 177 -19.78 -3.00 -22.14
CA MET A 177 -21.04 -2.35 -22.49
C MET A 177 -21.29 -1.09 -21.66
N TRP A 178 -20.92 -1.11 -20.38
CA TRP A 178 -21.28 -0.06 -19.42
C TRP A 178 -21.03 1.37 -19.88
N PRO A 179 -19.94 1.72 -20.56
CA PRO A 179 -19.78 3.13 -20.99
C PRO A 179 -20.93 3.63 -21.86
N PHE A 180 -21.62 2.75 -22.58
CA PHE A 180 -22.58 3.13 -23.61
C PHE A 180 -24.01 2.77 -23.29
N GLN A 181 -24.23 1.75 -22.48
CA GLN A 181 -25.56 1.23 -22.23
C GLN A 181 -25.51 0.46 -20.92
N LYS A 182 -26.55 0.60 -20.11
CA LYS A 182 -26.61 -0.17 -18.88
C LYS A 182 -26.84 -1.64 -19.20
N PRO A 183 -26.05 -2.56 -18.66
CA PRO A 183 -26.22 -3.97 -18.98
C PRO A 183 -27.49 -4.55 -18.37
N ASN A 184 -28.05 -5.54 -19.06
CA ASN A 184 -29.14 -6.35 -18.52
C ASN A 184 -28.50 -7.61 -17.91
N TYR A 185 -28.40 -7.61 -16.58
CA TYR A 185 -27.70 -8.70 -15.90
C TYR A 185 -28.50 -10.01 -15.93
N THR A 186 -29.83 -9.96 -15.99
CA THR A 186 -30.60 -11.19 -16.18
C THR A 186 -30.16 -11.91 -17.45
N GLU A 187 -29.98 -11.15 -18.53
CA GLU A 187 -29.52 -11.72 -19.79
C GLU A 187 -28.07 -12.22 -19.69
N ILE A 188 -27.19 -11.39 -19.11
CA ILE A 188 -25.80 -11.78 -18.96
C ILE A 188 -25.70 -13.11 -18.20
N ARG A 189 -26.39 -13.19 -17.07
CA ARG A 189 -26.41 -14.41 -16.27
C ARG A 189 -26.93 -15.58 -17.09
N GLN A 190 -27.92 -15.36 -17.94
CA GLN A 190 -28.37 -16.44 -18.81
C GLN A 190 -27.23 -17.00 -19.67
N TYR A 191 -26.27 -16.16 -20.07
CA TYR A 191 -25.24 -16.67 -20.99
C TYR A 191 -23.86 -16.92 -20.40
N CYS A 192 -23.55 -16.45 -19.17
CA CYS A 192 -22.19 -16.44 -18.64
C CYS A 192 -22.15 -17.04 -17.23
N ASN A 193 -21.04 -17.74 -16.89
CA ASN A 193 -20.84 -18.22 -15.52
C ASN A 193 -20.31 -17.12 -14.59
N HIS A 194 -19.48 -16.22 -15.08
CA HIS A 194 -19.22 -15.00 -14.32
C HIS A 194 -18.84 -13.89 -15.28
N TRP A 195 -18.91 -12.65 -14.78
CA TRP A 195 -18.78 -11.52 -15.68
C TRP A 195 -18.01 -10.38 -15.03
N ARG A 196 -17.07 -9.82 -15.77
CA ARG A 196 -16.32 -8.67 -15.31
C ARG A 196 -17.18 -7.43 -15.45
N ASN A 197 -17.26 -6.65 -14.37
CA ASN A 197 -18.06 -5.43 -14.29
C ASN A 197 -17.25 -4.15 -14.41
N PHE A 198 -15.99 -4.13 -13.97
CA PHE A 198 -15.31 -2.87 -13.66
C PHE A 198 -13.87 -2.97 -14.13
N ALA A 199 -13.19 -1.82 -14.11
CA ALA A 199 -11.84 -1.68 -14.64
C ALA A 199 -10.89 -2.72 -14.04
N ASP A 200 -9.89 -3.11 -14.85
CA ASP A 200 -8.86 -4.06 -14.42
C ASP A 200 -8.25 -3.67 -13.08
N ILE A 201 -8.03 -4.68 -12.23
CA ILE A 201 -7.31 -4.45 -10.97
C ILE A 201 -5.83 -4.28 -11.27
N ASP A 202 -5.13 -3.54 -10.42
CA ASP A 202 -3.68 -3.64 -10.50
C ASP A 202 -3.11 -3.87 -9.11
N ASP A 203 -1.80 -3.70 -8.94
CA ASP A 203 -1.14 -4.02 -7.67
C ASP A 203 -1.16 -2.80 -6.74
N SER A 204 -2.36 -2.34 -6.38
CA SER A 204 -2.46 -1.12 -5.59
C SER A 204 -3.72 -1.13 -4.72
N TRP A 205 -3.58 -0.51 -3.55
CA TRP A 205 -4.73 -0.26 -2.69
C TRP A 205 -5.75 0.64 -3.39
N LYS A 206 -5.28 1.59 -4.21
CA LYS A 206 -6.19 2.46 -4.96
C LYS A 206 -7.18 1.63 -5.80
N SER A 207 -6.68 0.59 -6.49
CA SER A 207 -7.54 -0.25 -7.31
C SER A 207 -8.56 -0.98 -6.45
N ILE A 208 -8.12 -1.56 -5.31
CA ILE A 208 -9.06 -2.25 -4.43
C ILE A 208 -10.20 -1.30 -4.03
N LYS A 209 -9.84 -0.13 -3.53
CA LYS A 209 -10.87 0.86 -3.12
C LYS A 209 -11.82 1.17 -4.27
N SER A 210 -11.27 1.36 -5.48
CA SER A 210 -12.12 1.69 -6.63
C SER A 210 -13.12 0.57 -6.89
N ILE A 211 -12.66 -0.68 -6.84
CA ILE A 211 -13.52 -1.83 -7.10
C ILE A 211 -14.61 -1.94 -6.04
N LEU A 212 -14.24 -1.77 -4.77
CA LEU A 212 -15.24 -1.85 -3.71
C LEU A 212 -16.26 -0.72 -3.82
N ASP A 213 -15.79 0.49 -4.14
CA ASP A 213 -16.69 1.65 -4.24
C ASP A 213 -17.62 1.50 -5.43
N TRP A 214 -17.12 1.01 -6.58
CA TRP A 214 -18.01 0.76 -7.71
C TRP A 214 -19.05 -0.28 -7.34
N THR A 215 -18.63 -1.36 -6.65
CA THR A 215 -19.55 -2.45 -6.31
C THR A 215 -20.63 -1.99 -5.35
N SER A 216 -20.26 -1.24 -4.30
CA SER A 216 -21.28 -0.77 -3.36
C SER A 216 -22.17 0.29 -4.01
N PHE A 217 -21.63 1.12 -4.91
CA PHE A 217 -22.47 2.10 -5.61
C PHE A 217 -23.50 1.41 -6.50
N ASN A 218 -23.14 0.28 -7.09
CA ASN A 218 -24.00 -0.39 -8.06
C ASN A 218 -24.72 -1.59 -7.46
N GLN A 219 -24.75 -1.70 -6.14
CA GLN A 219 -25.10 -3.00 -5.58
C GLN A 219 -26.56 -3.34 -5.80
N GLU A 220 -27.44 -2.34 -5.90
CA GLU A 220 -28.84 -2.65 -6.17
C GLU A 220 -29.01 -3.30 -7.54
N ARG A 221 -28.12 -3.03 -8.48
CA ARG A 221 -28.25 -3.63 -9.80
C ARG A 221 -27.61 -5.01 -9.91
N ILE A 222 -26.60 -5.35 -9.10
CA ILE A 222 -25.82 -6.54 -9.37
C ILE A 222 -25.90 -7.58 -8.27
N VAL A 223 -26.31 -7.25 -7.04
CA VAL A 223 -26.15 -8.22 -5.96
C VAL A 223 -27.14 -9.37 -6.11
N ASP A 224 -28.41 -9.07 -6.41
CA ASP A 224 -29.40 -10.15 -6.41
C ASP A 224 -29.27 -11.09 -7.60
N VAL A 225 -28.63 -10.68 -8.69
CA VAL A 225 -28.54 -11.59 -9.84
C VAL A 225 -27.50 -12.69 -9.61
N ALA A 226 -26.54 -12.47 -8.72
CA ALA A 226 -25.50 -13.45 -8.47
C ALA A 226 -26.03 -14.65 -7.72
N GLY A 227 -25.43 -15.81 -7.95
CA GLY A 227 -25.83 -17.03 -7.28
C GLY A 227 -25.24 -18.21 -8.02
N PRO A 228 -25.49 -19.43 -7.54
CA PRO A 228 -24.86 -20.62 -8.16
C PRO A 228 -25.01 -20.61 -9.67
N GLY A 229 -23.88 -20.74 -10.37
CA GLY A 229 -23.84 -20.74 -11.81
C GLY A 229 -23.58 -19.38 -12.44
N GLY A 230 -23.58 -18.30 -11.68
CA GLY A 230 -23.43 -16.97 -12.26
C GLY A 230 -22.98 -15.93 -11.25
N TRP A 231 -21.74 -15.43 -11.36
CA TRP A 231 -21.15 -14.56 -10.34
C TRP A 231 -20.68 -13.23 -10.91
N ASN A 232 -20.73 -12.19 -10.08
CA ASN A 232 -20.03 -10.95 -10.38
C ASN A 232 -18.54 -11.17 -10.19
N ASP A 233 -17.74 -10.67 -11.13
CA ASP A 233 -16.29 -10.85 -11.08
C ASP A 233 -15.64 -9.49 -10.87
N PRO A 234 -15.15 -9.18 -9.66
CA PRO A 234 -14.44 -7.93 -9.41
C PRO A 234 -12.95 -7.98 -9.69
N ASP A 235 -12.49 -9.02 -10.41
CA ASP A 235 -11.14 -9.25 -10.91
C ASP A 235 -10.22 -9.95 -9.91
N MET A 236 -8.97 -10.15 -10.32
CA MET A 236 -8.04 -11.08 -9.68
C MET A 236 -7.69 -10.69 -8.24
N LEU A 237 -7.37 -11.70 -7.43
CA LEU A 237 -6.69 -11.47 -6.15
C LEU A 237 -5.23 -11.13 -6.44
N VAL A 238 -4.74 -10.03 -5.87
CA VAL A 238 -3.35 -9.65 -6.09
C VAL A 238 -2.53 -9.78 -4.82
N ILE A 239 -3.07 -10.46 -3.81
CA ILE A 239 -2.34 -10.82 -2.60
C ILE A 239 -1.10 -11.62 -2.97
N GLY A 240 0.01 -11.30 -2.30
CA GLY A 240 1.27 -11.98 -2.53
C GLY A 240 2.20 -11.25 -3.48
N ASN A 241 1.78 -10.10 -4.02
CA ASN A 241 2.61 -9.33 -4.94
C ASN A 241 3.27 -8.19 -4.16
N PHE A 242 3.25 -6.94 -4.63
CA PHE A 242 4.17 -5.92 -4.13
C PHE A 242 3.50 -4.67 -3.59
N GLY A 243 2.26 -4.39 -4.00
CA GLY A 243 1.66 -3.07 -3.78
C GLY A 243 0.75 -2.93 -2.59
N LEU A 244 0.37 -4.04 -1.96
CA LEU A 244 -0.59 -4.00 -0.86
C LEU A 244 0.10 -4.25 0.47
N SER A 245 -0.20 -3.42 1.45
CA SER A 245 0.20 -3.75 2.81
C SER A 245 -0.58 -4.99 3.28
N TRP A 246 -0.09 -5.57 4.37
CA TRP A 246 -0.78 -6.72 4.97
C TRP A 246 -2.26 -6.42 5.23
N ASN A 247 -2.57 -5.27 5.85
CA ASN A 247 -3.98 -4.95 6.11
C ASN A 247 -4.79 -4.78 4.82
N GLN A 248 -4.16 -4.29 3.75
CA GLN A 248 -4.87 -4.19 2.47
C GLN A 248 -5.09 -5.55 1.84
N GLN A 249 -4.13 -6.47 2.00
CA GLN A 249 -4.34 -7.85 1.57
C GLN A 249 -5.49 -8.50 2.33
N VAL A 250 -5.55 -8.29 3.65
CA VAL A 250 -6.66 -8.80 4.46
C VAL A 250 -7.98 -8.25 3.93
N THR A 251 -8.02 -6.94 3.69
CA THR A 251 -9.23 -6.35 3.13
C THR A 251 -9.64 -7.02 1.81
N GLN A 252 -8.67 -7.27 0.91
CA GLN A 252 -9.09 -7.92 -0.34
C GLN A 252 -9.62 -9.32 -0.11
N MET A 253 -8.96 -10.12 0.75
CA MET A 253 -9.44 -11.49 0.95
C MET A 253 -10.83 -11.49 1.58
N ALA A 254 -11.02 -10.68 2.63
CA ALA A 254 -12.30 -10.60 3.32
C ALA A 254 -13.41 -10.15 2.39
N LEU A 255 -13.18 -9.09 1.60
CA LEU A 255 -14.28 -8.56 0.80
C LEU A 255 -14.56 -9.42 -0.42
N TRP A 256 -13.56 -10.10 -1.00
CA TRP A 256 -13.87 -11.02 -2.09
C TRP A 256 -14.67 -12.22 -1.57
N ALA A 257 -14.49 -12.60 -0.29
CA ALA A 257 -15.37 -13.61 0.30
C ALA A 257 -16.79 -13.07 0.47
N ILE A 258 -16.93 -11.86 1.03
CA ILE A 258 -18.26 -11.25 1.19
C ILE A 258 -18.98 -11.16 -0.16
N MET A 259 -18.25 -10.81 -1.23
CA MET A 259 -18.86 -10.56 -2.52
C MET A 259 -19.13 -11.82 -3.33
N ALA A 260 -18.82 -13.01 -2.81
CA ALA A 260 -19.00 -14.24 -3.59
C ALA A 260 -18.31 -14.09 -4.94
N ALA A 261 -17.11 -13.58 -4.89
CA ALA A 261 -16.31 -13.35 -6.08
C ALA A 261 -15.58 -14.64 -6.47
N PRO A 262 -15.36 -14.87 -7.76
CA PRO A 262 -14.36 -15.85 -8.15
C PRO A 262 -13.02 -15.45 -7.56
N LEU A 263 -12.20 -16.44 -7.24
CA LEU A 263 -10.94 -16.21 -6.56
C LEU A 263 -9.85 -16.66 -7.50
N PHE A 264 -9.45 -15.77 -8.41
CA PHE A 264 -8.35 -16.06 -9.32
C PHE A 264 -7.12 -15.31 -8.81
N MET A 265 -6.22 -16.05 -8.16
CA MET A 265 -4.96 -15.45 -7.74
C MET A 265 -4.18 -15.04 -8.98
N SER A 266 -3.50 -13.89 -8.92
CA SER A 266 -2.52 -13.58 -9.96
C SER A 266 -1.27 -13.12 -9.22
N ASN A 267 -0.33 -14.05 -9.07
CA ASN A 267 0.86 -13.85 -8.25
C ASN A 267 1.91 -14.85 -8.75
N ASP A 268 3.04 -14.91 -8.07
CA ASP A 268 4.10 -15.84 -8.44
C ASP A 268 4.15 -16.91 -7.35
N LEU A 269 3.58 -18.09 -7.65
CA LEU A 269 3.56 -19.17 -6.64
C LEU A 269 4.95 -19.66 -6.29
N ARG A 270 5.94 -19.38 -7.14
CA ARG A 270 7.34 -19.71 -6.83
C ARG A 270 7.96 -18.79 -5.80
N HIS A 271 7.39 -17.58 -5.59
CA HIS A 271 7.98 -16.57 -4.72
C HIS A 271 6.82 -15.85 -4.01
N ILE A 272 6.34 -16.47 -2.94
CA ILE A 272 5.22 -15.92 -2.19
C ILE A 272 5.51 -16.09 -0.70
N SER A 273 5.23 -15.06 0.08
CA SER A 273 5.54 -15.11 1.50
C SER A 273 4.65 -16.12 2.23
N PRO A 274 5.14 -16.70 3.33
CA PRO A 274 4.29 -17.59 4.14
C PRO A 274 3.01 -16.92 4.63
N GLN A 275 3.06 -15.63 4.98
CA GLN A 275 1.86 -14.98 5.47
C GLN A 275 0.83 -14.77 4.35
N ALA A 276 1.29 -14.41 3.14
CA ALA A 276 0.34 -14.28 2.02
C ALA A 276 -0.25 -15.63 1.68
N LYS A 277 0.57 -16.68 1.72
CA LYS A 277 0.08 -18.03 1.44
C LYS A 277 -0.99 -18.45 2.45
N ALA A 278 -0.74 -18.22 3.75
CA ALA A 278 -1.71 -18.61 4.77
C ALA A 278 -3.01 -17.83 4.62
N LEU A 279 -2.93 -16.54 4.26
CA LEU A 279 -4.16 -15.77 4.06
C LEU A 279 -4.93 -16.30 2.85
N LEU A 280 -4.25 -16.52 1.71
CA LEU A 280 -4.93 -17.02 0.51
C LEU A 280 -5.48 -18.43 0.72
N GLN A 281 -4.88 -19.21 1.63
CA GLN A 281 -5.33 -20.57 1.90
C GLN A 281 -6.23 -20.64 3.14
N ASP A 282 -6.68 -19.50 3.67
CA ASP A 282 -7.43 -19.50 4.92
C ASP A 282 -8.73 -20.30 4.80
N LYS A 283 -8.82 -21.43 5.50
CA LYS A 283 -9.91 -22.38 5.30
C LYS A 283 -11.28 -21.76 5.63
N ASP A 284 -11.36 -21.02 6.73
CA ASP A 284 -12.63 -20.42 7.14
C ASP A 284 -13.10 -19.32 6.17
N VAL A 285 -12.15 -18.52 5.68
CA VAL A 285 -12.54 -17.44 4.77
C VAL A 285 -12.93 -18.01 3.40
N ILE A 286 -12.14 -18.97 2.88
CA ILE A 286 -12.55 -19.65 1.65
C ILE A 286 -13.93 -20.28 1.82
N ALA A 287 -14.20 -20.88 3.00
CA ALA A 287 -15.52 -21.49 3.21
C ALA A 287 -16.63 -20.46 3.10
N ILE A 288 -16.39 -19.23 3.57
CA ILE A 288 -17.38 -18.18 3.35
C ILE A 288 -17.55 -17.90 1.86
N ASN A 289 -16.44 -17.65 1.15
CA ASN A 289 -16.52 -17.41 -0.29
C ASN A 289 -17.29 -18.52 -0.98
N GLN A 290 -17.01 -19.77 -0.60
CA GLN A 290 -17.56 -20.97 -1.22
C GLN A 290 -18.89 -21.41 -0.61
N ASP A 291 -19.53 -20.57 0.18
CA ASP A 291 -20.76 -20.99 0.83
C ASP A 291 -21.78 -21.49 -0.20
N PRO A 292 -22.36 -22.69 -0.02
CA PRO A 292 -23.18 -23.28 -1.08
C PRO A 292 -24.45 -22.50 -1.37
N LEU A 293 -24.99 -21.73 -0.42
CA LEU A 293 -26.16 -20.91 -0.74
C LEU A 293 -25.85 -19.95 -1.87
N GLY A 294 -24.62 -19.45 -1.94
CA GLY A 294 -24.24 -18.59 -3.04
C GLY A 294 -24.96 -17.26 -3.09
N LYS A 295 -25.32 -16.67 -1.94
CA LYS A 295 -25.94 -15.35 -1.93
C LYS A 295 -24.87 -14.28 -1.73
N GLN A 296 -24.75 -13.36 -2.68
CA GLN A 296 -23.71 -12.34 -2.60
C GLN A 296 -24.02 -11.36 -1.47
N GLY A 297 -22.98 -10.94 -0.75
CA GLY A 297 -23.13 -9.97 0.31
C GLY A 297 -23.21 -8.56 -0.25
N TYR A 298 -23.23 -7.59 0.66
CA TYR A 298 -23.54 -6.23 0.25
C TYR A 298 -23.06 -5.27 1.32
N GLN A 299 -22.97 -4.00 0.95
CA GLN A 299 -22.63 -2.96 1.91
C GLN A 299 -23.88 -2.62 2.72
N LEU A 300 -23.78 -2.74 4.03
CA LEU A 300 -24.85 -2.39 4.94
C LEU A 300 -24.80 -0.94 5.35
N ARG A 301 -23.60 -0.43 5.65
CA ARG A 301 -23.46 0.91 6.23
C ARG A 301 -22.17 1.53 5.74
N GLN A 302 -22.16 2.85 5.67
CA GLN A 302 -20.91 3.58 5.47
C GLN A 302 -21.05 4.93 6.14
N GLY A 303 -19.98 5.36 6.79
CA GLY A 303 -20.02 6.60 7.54
C GLY A 303 -18.79 6.70 8.42
N ASP A 304 -18.32 7.93 8.66
CA ASP A 304 -17.18 8.17 9.52
C ASP A 304 -15.97 7.38 9.04
N ASN A 305 -15.83 7.20 7.71
CA ASN A 305 -14.73 6.47 7.10
C ASN A 305 -14.69 5.01 7.52
N PHE A 306 -15.82 4.46 7.94
CA PHE A 306 -16.02 3.03 8.10
C PHE A 306 -17.02 2.54 7.07
N GLU A 307 -16.88 1.26 6.69
CA GLU A 307 -17.91 0.54 5.97
C GLU A 307 -18.24 -0.74 6.72
N VAL A 308 -19.51 -1.14 6.69
CA VAL A 308 -19.92 -2.46 7.15
C VAL A 308 -20.60 -3.15 5.99
N TRP A 309 -20.11 -4.35 5.66
CA TRP A 309 -20.66 -5.25 4.68
C TRP A 309 -21.10 -6.54 5.37
N GLU A 310 -22.07 -7.23 4.79
CA GLU A 310 -22.45 -8.50 5.36
C GLU A 310 -22.92 -9.43 4.26
N ARG A 311 -22.94 -10.72 4.56
CA ARG A 311 -23.30 -11.75 3.59
C ARG A 311 -24.07 -12.87 4.29
N PRO A 312 -25.28 -13.21 3.83
CA PRO A 312 -25.99 -14.35 4.42
C PRO A 312 -25.38 -15.65 3.95
N LEU A 313 -25.27 -16.61 4.86
CA LEU A 313 -24.69 -17.92 4.61
C LEU A 313 -25.71 -19.02 4.85
N SER A 314 -25.36 -20.24 4.47
CA SER A 314 -26.22 -21.39 4.74
C SER A 314 -26.41 -21.57 6.25
N GLY A 315 -27.55 -22.15 6.62
CA GLY A 315 -27.78 -22.54 8.00
C GLY A 315 -27.84 -21.42 9.01
N LEU A 316 -28.42 -20.29 8.65
CA LEU A 316 -28.69 -19.16 9.56
C LEU A 316 -27.44 -18.39 9.96
N ALA A 317 -26.29 -18.68 9.37
CA ALA A 317 -25.07 -17.95 9.67
C ALA A 317 -24.93 -16.72 8.77
N TRP A 318 -24.06 -15.82 9.18
CA TRP A 318 -23.77 -14.61 8.42
C TRP A 318 -22.28 -14.31 8.54
N ALA A 319 -21.71 -13.69 7.51
CA ALA A 319 -20.39 -13.09 7.60
C ALA A 319 -20.53 -11.58 7.64
N VAL A 320 -19.69 -10.90 8.41
CA VAL A 320 -19.73 -9.44 8.55
C VAL A 320 -18.32 -8.88 8.43
N ALA A 321 -18.12 -7.89 7.57
CA ALA A 321 -16.83 -7.25 7.38
C ALA A 321 -16.94 -5.77 7.73
N MET A 322 -15.96 -5.28 8.48
CA MET A 322 -15.90 -3.88 8.88
C MET A 322 -14.58 -3.31 8.41
N ILE A 323 -14.64 -2.30 7.56
CA ILE A 323 -13.48 -1.73 6.88
C ILE A 323 -13.23 -0.35 7.47
N ASN A 324 -11.94 -0.04 7.71
CA ASN A 324 -11.53 1.27 8.18
C ASN A 324 -10.86 1.96 6.99
N ARG A 325 -11.56 2.93 6.40
CA ARG A 325 -11.08 3.66 5.22
C ARG A 325 -10.29 4.92 5.57
N GLN A 326 -10.09 5.24 6.85
CA GLN A 326 -9.27 6.38 7.24
C GLN A 326 -7.80 6.02 7.16
N GLU A 327 -7.02 6.75 6.40
CA GLU A 327 -5.67 6.30 6.08
C GLU A 327 -4.62 7.09 6.87
N ILE A 328 -4.89 7.31 8.16
CA ILE A 328 -4.01 8.06 9.04
C ILE A 328 -4.36 7.62 10.46
N GLY A 329 -3.41 7.73 11.38
CA GLY A 329 -3.70 7.35 12.75
C GLY A 329 -3.54 5.85 13.01
N GLY A 330 -4.25 5.37 14.02
CA GLY A 330 -4.12 4.00 14.49
C GLY A 330 -5.40 3.20 14.41
N PRO A 331 -5.42 2.01 15.01
CA PRO A 331 -6.66 1.21 15.00
C PRO A 331 -7.80 2.02 15.59
N ARG A 332 -8.92 2.03 14.89
CA ARG A 332 -10.03 2.92 15.21
C ARG A 332 -11.26 2.12 15.63
N SER A 333 -11.91 2.59 16.68
CA SER A 333 -13.01 1.85 17.30
C SER A 333 -14.29 2.02 16.51
N TYR A 334 -14.97 0.91 16.27
CA TYR A 334 -16.28 0.87 15.63
C TYR A 334 -17.19 -0.03 16.45
N THR A 335 -18.43 0.41 16.68
CA THR A 335 -19.40 -0.41 17.38
C THR A 335 -20.72 -0.41 16.62
N ILE A 336 -21.42 -1.53 16.71
CA ILE A 336 -22.72 -1.63 16.05
C ILE A 336 -23.60 -2.57 16.86
N ALA A 337 -24.88 -2.23 16.98
CA ALA A 337 -25.84 -3.16 17.58
C ALA A 337 -25.91 -4.43 16.77
N VAL A 338 -25.84 -5.58 17.44
CA VAL A 338 -25.90 -6.82 16.67
C VAL A 338 -27.30 -7.05 16.11
N ALA A 339 -28.32 -6.40 16.69
CA ALA A 339 -29.67 -6.47 16.10
C ALA A 339 -29.74 -5.78 14.74
N SER A 340 -28.76 -4.94 14.42
CA SER A 340 -28.67 -4.31 13.11
C SER A 340 -28.04 -5.23 12.07
N LEU A 341 -27.46 -6.36 12.48
CA LEU A 341 -26.73 -7.22 11.56
C LEU A 341 -27.65 -8.34 11.09
N GLY A 342 -27.38 -8.83 9.88
CA GLY A 342 -28.13 -9.96 9.36
C GLY A 342 -29.62 -9.73 9.33
N LYS A 343 -30.04 -8.50 8.99
CA LYS A 343 -31.44 -8.14 8.83
C LYS A 343 -32.23 -8.35 10.11
N GLY A 344 -31.55 -8.41 11.25
CA GLY A 344 -32.23 -8.59 12.50
C GLY A 344 -32.44 -10.03 12.93
N VAL A 345 -32.03 -11.01 12.12
CA VAL A 345 -32.20 -12.41 12.52
C VAL A 345 -30.90 -13.08 12.93
N ALA A 346 -29.73 -12.55 12.52
CA ALA A 346 -28.48 -13.24 12.80
C ALA A 346 -28.34 -13.56 14.29
N CYS A 347 -28.67 -12.60 15.14
CA CYS A 347 -28.42 -12.71 16.58
C CYS A 347 -29.69 -12.65 17.40
N ASN A 348 -30.80 -13.11 16.82
CA ASN A 348 -32.04 -13.21 17.58
C ASN A 348 -32.33 -14.69 17.80
N PRO A 349 -32.34 -15.21 19.03
CA PRO A 349 -32.17 -14.46 20.28
C PRO A 349 -30.73 -14.13 20.63
N ALA A 350 -29.80 -14.84 20.02
CA ALA A 350 -28.38 -14.65 20.30
C ALA A 350 -27.57 -15.30 19.19
N CYS A 351 -26.28 -14.95 19.13
CA CYS A 351 -25.38 -15.56 18.16
C CYS A 351 -24.02 -15.74 18.81
N PHE A 352 -23.28 -16.75 18.35
CA PHE A 352 -21.87 -16.85 18.69
C PHE A 352 -21.07 -16.20 17.57
N ILE A 353 -20.13 -15.33 17.93
CA ILE A 353 -19.36 -14.57 16.97
C ILE A 353 -17.90 -14.99 17.03
N THR A 354 -17.34 -15.31 15.87
CA THR A 354 -15.94 -15.66 15.73
C THR A 354 -15.30 -14.66 14.77
N GLN A 355 -14.28 -13.95 15.22
CA GLN A 355 -13.44 -13.20 14.31
C GLN A 355 -12.55 -14.14 13.50
N LEU A 356 -12.51 -13.93 12.20
CA LEU A 356 -11.65 -14.69 11.31
C LEU A 356 -10.46 -13.91 10.81
N LEU A 357 -10.60 -12.61 10.60
CA LEU A 357 -9.51 -11.76 10.10
C LEU A 357 -9.53 -10.46 10.88
N PRO A 358 -8.35 -9.85 11.14
CA PRO A 358 -7.00 -10.26 10.71
C PRO A 358 -6.43 -11.51 11.39
N VAL A 359 -6.96 -11.92 12.56
CA VAL A 359 -6.59 -13.16 13.22
C VAL A 359 -7.87 -13.86 13.66
N LYS A 360 -7.80 -15.18 13.80
CA LYS A 360 -8.95 -15.93 14.27
C LYS A 360 -9.04 -15.89 15.78
N ARG A 361 -10.22 -15.59 16.31
CA ARG A 361 -10.40 -15.44 17.74
C ARG A 361 -11.90 -15.52 18.03
N LYS A 362 -12.29 -16.45 18.90
CA LYS A 362 -13.69 -16.48 19.34
C LYS A 362 -14.00 -15.26 20.19
N LEU A 363 -15.08 -14.55 19.88
CA LEU A 363 -15.47 -13.38 20.66
C LEU A 363 -16.52 -13.70 21.71
N GLY A 364 -17.29 -14.76 21.52
CA GLY A 364 -18.25 -15.22 22.51
C GLY A 364 -19.68 -15.07 22.04
N PHE A 365 -20.60 -15.21 23.00
CA PHE A 365 -22.02 -15.10 22.74
C PHE A 365 -22.48 -13.65 22.80
N TYR A 366 -23.31 -13.27 21.85
CA TYR A 366 -23.90 -11.94 21.82
C TYR A 366 -25.42 -12.09 21.85
N GLU A 367 -26.08 -11.43 22.80
CA GLU A 367 -27.54 -11.47 22.85
C GLU A 367 -28.12 -10.50 21.84
N TRP A 368 -29.43 -10.65 21.56
CA TRP A 368 -30.07 -9.74 20.61
C TRP A 368 -29.91 -8.29 21.04
N THR A 369 -29.75 -8.05 22.33
CA THR A 369 -29.57 -6.70 22.85
C THR A 369 -28.14 -6.17 22.70
N SER A 370 -27.17 -7.00 22.30
CA SER A 370 -25.76 -6.64 22.48
C SER A 370 -25.27 -5.66 21.42
N ARG A 371 -24.09 -5.11 21.69
CA ARG A 371 -23.33 -4.32 20.71
C ARG A 371 -21.98 -4.98 20.52
N LEU A 372 -21.57 -5.04 19.27
CA LEU A 372 -20.26 -5.52 18.90
C LEU A 372 -19.31 -4.35 18.77
N ARG A 373 -18.17 -4.42 19.46
CA ARG A 373 -17.16 -3.38 19.41
C ARG A 373 -15.85 -3.95 18.91
N SER A 374 -15.19 -3.22 18.01
CA SER A 374 -13.96 -3.72 17.42
C SER A 374 -13.05 -2.54 17.08
N HIS A 375 -11.74 -2.77 17.08
CA HIS A 375 -10.79 -1.79 16.57
C HIS A 375 -10.30 -2.27 15.21
N ILE A 376 -10.37 -1.40 14.21
CA ILE A 376 -10.03 -1.80 12.84
C ILE A 376 -8.83 -0.96 12.39
N ASN A 377 -7.79 -1.66 11.92
CA ASN A 377 -6.59 -0.99 11.43
C ASN A 377 -6.89 -0.14 10.20
N PRO A 378 -6.20 0.98 10.05
CA PRO A 378 -6.36 1.78 8.82
C PRO A 378 -6.10 0.94 7.56
N THR A 379 -7.03 1.02 6.61
CA THR A 379 -7.09 0.26 5.37
C THR A 379 -7.27 -1.24 5.59
N GLY A 380 -7.47 -1.67 6.83
CA GLY A 380 -7.70 -3.07 7.14
C GLY A 380 -9.19 -3.35 7.30
N THR A 381 -9.48 -4.63 7.52
CA THR A 381 -10.83 -5.15 7.64
C THR A 381 -10.86 -6.14 8.79
N VAL A 382 -11.93 -6.11 9.57
CA VAL A 382 -12.21 -7.17 10.54
C VAL A 382 -13.34 -8.01 9.94
N LEU A 383 -13.11 -9.30 9.83
CA LEU A 383 -14.11 -10.21 9.26
C LEU A 383 -14.58 -11.14 10.35
N LEU A 384 -15.91 -11.23 10.53
CA LEU A 384 -16.55 -12.00 11.57
C LEU A 384 -17.52 -13.01 10.96
N GLN A 385 -17.73 -14.11 11.68
CA GLN A 385 -18.78 -15.06 11.35
C GLN A 385 -19.70 -15.20 12.55
N LEU A 386 -20.99 -15.03 12.30
CA LEU A 386 -22.03 -15.06 13.32
C LEU A 386 -22.83 -16.33 13.08
N GLU A 387 -23.05 -17.10 14.15
CA GLU A 387 -23.87 -18.31 14.11
C GLU A 387 -25.02 -18.12 15.08
N ASN A 388 -26.25 -18.18 14.57
CA ASN A 388 -27.39 -18.05 15.45
C ASN A 388 -27.44 -19.24 16.42
N THR A 389 -27.80 -18.98 17.68
CA THR A 389 -27.75 -20.03 18.69
C THR A 389 -28.87 -21.06 18.49
N MET A 390 -29.98 -20.67 17.87
CA MET A 390 -31.10 -21.60 17.68
C MET A 390 -30.67 -22.85 16.95
N LEU B 1 20.17 27.26 10.34
CA LEU B 1 20.32 27.94 11.62
C LEU B 1 21.67 27.61 12.25
N ASP B 2 22.38 28.67 12.61
CA ASP B 2 23.76 28.56 13.12
C ASP B 2 23.77 28.47 14.64
N ASN B 3 23.18 27.41 15.19
CA ASN B 3 23.20 27.15 16.63
C ASN B 3 24.04 25.95 16.99
N GLY B 4 24.86 25.45 16.07
CA GLY B 4 25.63 24.24 16.31
C GLY B 4 24.84 22.96 16.29
N LEU B 5 23.54 23.00 16.02
CA LEU B 5 22.69 21.82 16.10
C LEU B 5 22.35 21.32 14.70
N ALA B 6 21.81 20.10 14.66
CA ALA B 6 21.36 19.49 13.41
C ALA B 6 22.46 19.51 12.36
N ARG B 7 23.68 19.17 12.78
CA ARG B 7 24.76 19.09 11.81
C ARG B 7 24.56 17.91 10.87
N THR B 8 23.85 16.89 11.33
CA THR B 8 23.23 15.90 10.47
C THR B 8 21.73 16.00 10.66
N PRO B 9 20.93 15.48 9.74
CA PRO B 9 19.48 15.58 9.94
C PRO B 9 19.09 14.94 11.27
N THR B 10 18.17 15.60 11.97
CA THR B 10 17.73 15.13 13.29
C THR B 10 16.98 13.80 13.19
N MET B 11 17.19 12.91 14.17
CA MET B 11 16.56 11.61 14.21
C MET B 11 15.79 11.46 15.50
N GLY B 12 14.57 10.96 15.41
CA GLY B 12 13.78 10.77 16.60
C GLY B 12 12.43 10.16 16.29
N TRP B 13 11.45 10.48 17.15
CA TRP B 13 10.10 9.92 17.10
C TRP B 13 9.16 11.07 17.41
N LEU B 14 8.05 11.13 16.68
CA LEU B 14 7.09 12.22 16.79
C LEU B 14 5.69 11.61 16.71
N HIS B 15 4.79 12.03 17.59
CA HIS B 15 3.56 11.25 17.76
C HIS B 15 2.51 11.49 16.69
N TRP B 16 2.64 12.52 15.86
CA TRP B 16 1.47 13.07 15.18
C TRP B 16 0.79 12.05 14.25
N GLU B 17 1.52 11.47 13.29
CA GLU B 17 0.83 10.65 12.29
C GLU B 17 0.09 9.48 12.90
N ARG B 18 0.73 8.77 13.84
CA ARG B 18 0.13 7.56 14.39
C ARG B 18 -0.89 7.87 15.48
N PHE B 19 -0.71 8.95 16.24
CA PHE B 19 -1.57 9.19 17.40
C PHE B 19 -2.42 10.46 17.30
N MET B 20 -2.02 11.43 16.50
CA MET B 20 -2.83 12.62 16.14
C MET B 20 -3.28 13.32 17.42
N CYS B 21 -4.55 13.73 17.50
CA CYS B 21 -5.04 14.52 18.61
C CYS B 21 -6.06 13.74 19.41
N ASN B 22 -5.73 12.53 19.81
CA ASN B 22 -6.66 11.70 20.55
C ASN B 22 -6.66 12.13 22.01
N LEU B 23 -7.77 12.71 22.45
CA LEU B 23 -7.91 13.23 23.80
C LEU B 23 -8.76 12.34 24.69
N ASP B 24 -9.25 11.21 24.17
CA ASP B 24 -10.19 10.36 24.91
C ASP B 24 -9.41 9.28 25.66
N CYS B 25 -8.91 9.64 26.84
CA CYS B 25 -8.16 8.65 27.60
C CYS B 25 -9.06 7.63 28.30
N GLN B 26 -10.36 7.88 28.37
CA GLN B 26 -11.26 6.92 29.02
C GLN B 26 -11.56 5.75 28.09
N GLU B 27 -11.90 6.04 26.84
CA GLU B 27 -12.26 5.00 25.89
C GLU B 27 -11.12 4.56 24.99
N GLU B 28 -10.10 5.40 24.78
CA GLU B 28 -8.92 5.04 23.97
C GLU B 28 -7.63 5.28 24.76
N PRO B 29 -7.48 4.67 25.94
CA PRO B 29 -6.31 5.02 26.77
C PRO B 29 -4.97 4.71 26.12
N ASP B 30 -4.89 3.68 25.28
CA ASP B 30 -3.59 3.32 24.71
C ASP B 30 -3.15 4.23 23.58
N SER B 31 -4.02 5.09 23.06
CA SER B 31 -3.61 5.97 21.98
C SER B 31 -3.90 7.43 22.27
N CYS B 32 -4.36 7.78 23.48
CA CYS B 32 -4.56 9.18 23.81
C CYS B 32 -3.21 9.82 24.11
N ILE B 33 -3.16 11.14 23.92
CA ILE B 33 -1.92 11.89 24.07
C ILE B 33 -1.72 12.13 25.57
N SER B 34 -0.80 11.38 26.19
CA SER B 34 -0.65 11.43 27.63
C SER B 34 0.81 11.26 27.99
N GLU B 35 1.17 11.71 29.21
CA GLU B 35 2.55 11.54 29.66
C GLU B 35 2.94 10.06 29.72
N LYS B 36 1.98 9.18 30.03
CA LYS B 36 2.31 7.75 30.09
C LYS B 36 2.73 7.21 28.73
N LEU B 37 2.07 7.67 27.66
CA LEU B 37 2.45 7.25 26.31
C LEU B 37 3.90 7.61 26.02
N PHE B 38 4.31 8.84 26.35
CA PHE B 38 5.67 9.26 26.04
C PHE B 38 6.69 8.58 26.93
N MET B 39 6.35 8.34 28.20
CA MET B 39 7.25 7.60 29.07
C MET B 39 7.49 6.19 28.55
N GLU B 40 6.42 5.48 28.21
CA GLU B 40 6.59 4.12 27.71
C GLU B 40 7.33 4.12 26.37
N MET B 41 7.04 5.11 25.52
CA MET B 41 7.75 5.24 24.27
C MET B 41 9.25 5.47 24.50
N ALA B 42 9.61 6.23 25.54
CA ALA B 42 11.02 6.44 25.86
C ALA B 42 11.68 5.15 26.32
N GLU B 43 10.98 4.39 27.18
CA GLU B 43 11.49 3.09 27.60
C GLU B 43 11.79 2.21 26.40
N LEU B 44 10.84 2.11 25.47
CA LEU B 44 11.06 1.27 24.30
C LEU B 44 12.17 1.82 23.41
N MET B 45 12.26 3.15 23.27
CA MET B 45 13.35 3.72 22.48
C MET B 45 14.69 3.26 22.99
N VAL B 46 14.83 3.15 24.30
CA VAL B 46 16.07 2.62 24.85
C VAL B 46 16.16 1.11 24.64
N SER B 47 15.15 0.37 25.10
CA SER B 47 15.30 -1.07 25.24
C SER B 47 15.25 -1.81 23.93
N GLU B 48 14.66 -1.23 22.88
CA GLU B 48 14.55 -1.91 21.60
C GLU B 48 15.56 -1.41 20.56
N GLY B 49 16.61 -0.71 21.00
CA GLY B 49 17.71 -0.35 20.13
C GLY B 49 17.55 0.91 19.31
N TRP B 50 16.46 1.66 19.50
CA TRP B 50 16.24 2.86 18.69
C TRP B 50 17.28 3.94 18.99
N LYS B 51 17.50 4.22 20.28
CA LYS B 51 18.54 5.16 20.66
C LYS B 51 19.89 4.78 20.06
N ASP B 52 20.24 3.49 20.15
CA ASP B 52 21.52 3.02 19.62
C ASP B 52 21.63 3.28 18.13
N ALA B 53 20.52 3.13 17.40
CA ALA B 53 20.54 3.35 15.97
C ALA B 53 20.69 4.83 15.60
N GLY B 54 20.45 5.74 16.54
CA GLY B 54 20.53 7.17 16.31
C GLY B 54 19.26 7.96 16.60
N TYR B 55 18.12 7.33 16.83
CA TYR B 55 16.88 8.04 17.14
C TYR B 55 16.94 8.58 18.56
N GLU B 56 17.17 9.88 18.70
CA GLU B 56 17.49 10.49 19.98
C GLU B 56 16.40 11.39 20.52
N TYR B 57 15.59 12.00 19.64
CA TYR B 57 14.61 12.99 20.06
C TYR B 57 13.24 12.35 20.18
N LEU B 58 12.71 12.32 21.40
CA LEU B 58 11.33 11.89 21.65
C LEU B 58 10.46 13.14 21.63
N CYS B 59 9.60 13.28 20.62
CA CYS B 59 8.94 14.56 20.34
C CYS B 59 7.43 14.49 20.57
N ILE B 60 6.91 15.45 21.32
CA ILE B 60 5.50 15.71 21.48
C ILE B 60 5.06 16.64 20.37
N ASP B 61 3.93 16.32 19.74
CA ASP B 61 3.32 17.19 18.74
C ASP B 61 2.15 17.94 19.39
N ASP B 62 1.17 18.35 18.59
CA ASP B 62 0.02 19.12 19.08
C ASP B 62 -0.79 18.32 20.11
N CYS B 63 -1.60 19.06 20.89
CA CYS B 63 -2.59 18.51 21.82
C CYS B 63 -1.97 18.00 23.11
N TRP B 64 -0.92 18.65 23.59
CA TRP B 64 -0.39 18.39 24.91
C TRP B 64 -0.80 19.46 25.93
N MET B 65 -1.32 20.58 25.47
CA MET B 65 -1.53 21.76 26.30
C MET B 65 -2.86 21.71 27.05
N ALA B 66 -2.90 22.40 28.19
CA ALA B 66 -4.17 22.73 28.81
C ALA B 66 -4.89 23.77 27.95
N PRO B 67 -6.21 23.91 28.09
CA PRO B 67 -6.97 24.83 27.21
C PRO B 67 -6.59 26.30 27.37
N GLN B 68 -5.93 26.68 28.45
CA GLN B 68 -5.64 28.08 28.73
C GLN B 68 -4.31 28.18 29.46
N ARG B 69 -3.71 29.38 29.42
CA ARG B 69 -2.49 29.64 30.15
C ARG B 69 -2.77 29.81 31.64
N ASP B 70 -1.72 29.71 32.45
CA ASP B 70 -1.86 29.79 33.90
C ASP B 70 -2.00 31.25 34.32
N SER B 71 -1.96 31.52 35.62
CA SER B 71 -2.13 32.88 36.11
C SER B 71 -1.01 33.79 35.61
N GLU B 72 0.22 33.27 35.54
CA GLU B 72 1.35 34.04 35.08
C GLU B 72 1.46 34.10 33.56
N GLY B 73 0.39 33.77 32.84
CA GLY B 73 0.41 33.81 31.38
C GLY B 73 1.31 32.80 30.69
N ARG B 74 1.79 31.77 31.39
CA ARG B 74 2.62 30.74 30.79
C ARG B 74 1.79 29.54 30.31
N LEU B 75 2.31 28.84 29.32
CA LEU B 75 1.68 27.60 28.88
C LEU B 75 1.76 26.53 29.97
N GLN B 76 0.75 25.67 30.01
CA GLN B 76 0.78 24.53 30.90
C GLN B 76 0.36 23.28 30.13
N ALA B 77 0.90 22.15 30.57
CA ALA B 77 0.46 20.86 30.06
C ALA B 77 -0.94 20.55 30.58
N ASP B 78 -1.68 19.74 29.84
CA ASP B 78 -3.01 19.36 30.29
C ASP B 78 -2.92 18.71 31.67
N PRO B 79 -3.73 19.13 32.64
CA PRO B 79 -3.59 18.57 33.99
C PRO B 79 -4.03 17.10 34.10
N GLN B 80 -5.03 16.68 33.32
CA GLN B 80 -5.45 15.28 33.41
C GLN B 80 -4.51 14.34 32.66
N ARG B 81 -4.07 14.73 31.46
CA ARG B 81 -3.26 13.81 30.66
C ARG B 81 -1.76 13.94 30.96
N PHE B 82 -1.30 15.13 31.36
CA PHE B 82 0.10 15.35 31.76
C PHE B 82 0.18 15.84 33.20
N PRO B 83 -0.34 15.08 34.16
CA PRO B 83 -0.42 15.60 35.54
C PRO B 83 0.94 15.93 36.16
N HIS B 84 2.01 15.28 35.73
CA HIS B 84 3.32 15.54 36.32
C HIS B 84 4.11 16.62 35.59
N GLY B 85 3.62 17.11 34.47
CA GLY B 85 4.22 18.27 33.86
C GLY B 85 5.41 17.94 32.97
N ILE B 86 5.74 18.91 32.13
CA ILE B 86 6.73 18.70 31.09
C ILE B 86 8.12 18.60 31.69
N ARG B 87 8.41 19.38 32.74
CA ARG B 87 9.74 19.33 33.34
C ARG B 87 10.04 17.94 33.88
N GLN B 88 9.07 17.32 34.54
CA GLN B 88 9.28 15.96 35.00
C GLN B 88 9.40 14.98 33.84
N LEU B 89 8.57 15.16 32.80
CA LEU B 89 8.73 14.31 31.62
C LEU B 89 10.14 14.44 31.03
N ALA B 90 10.63 15.67 30.90
CA ALA B 90 11.97 15.91 30.36
C ALA B 90 13.03 15.27 31.24
N ASN B 91 12.89 15.39 32.57
CA ASN B 91 13.82 14.72 33.47
C ASN B 91 13.84 13.22 33.20
N TYR B 92 12.66 12.63 33.07
CA TYR B 92 12.57 11.20 32.75
C TYR B 92 13.25 10.89 31.43
N VAL B 93 12.94 11.66 30.39
CA VAL B 93 13.49 11.43 29.06
C VAL B 93 15.02 11.56 29.06
N HIS B 94 15.54 12.56 29.77
CA HIS B 94 16.99 12.74 29.86
C HIS B 94 17.65 11.59 30.62
N SER B 95 16.98 11.08 31.67
CA SER B 95 17.53 9.96 32.42
C SER B 95 17.65 8.71 31.55
N LYS B 96 16.90 8.63 30.46
CA LYS B 96 17.05 7.55 29.50
C LYS B 96 18.14 7.84 28.48
N GLY B 97 18.78 9.00 28.55
CA GLY B 97 19.75 9.39 27.55
C GLY B 97 19.15 9.97 26.29
N LEU B 98 17.89 10.40 26.34
CA LEU B 98 17.18 10.90 25.18
C LEU B 98 16.95 12.40 25.33
N LYS B 99 16.41 13.00 24.27
CA LYS B 99 16.13 14.43 24.24
C LYS B 99 14.64 14.63 23.99
N LEU B 100 14.09 15.72 24.53
CA LEU B 100 12.65 15.93 24.49
C LEU B 100 12.29 17.04 23.51
N GLY B 101 11.40 16.72 22.58
CA GLY B 101 10.83 17.70 21.69
C GLY B 101 9.43 18.08 22.13
N ILE B 102 9.05 19.31 21.84
CA ILE B 102 7.71 19.80 22.13
C ILE B 102 7.24 20.59 20.91
N TYR B 103 5.97 21.00 20.95
CA TYR B 103 5.29 21.64 19.84
C TYR B 103 4.63 22.93 20.31
N ALA B 104 4.60 23.92 19.43
CA ALA B 104 3.86 25.15 19.64
C ALA B 104 3.49 25.74 18.27
N ASP B 105 2.83 26.89 18.27
CA ASP B 105 2.28 27.46 17.03
C ASP B 105 2.50 28.96 16.99
N VAL B 106 2.83 29.47 15.80
CA VAL B 106 3.24 30.86 15.64
C VAL B 106 2.09 31.83 15.89
N GLY B 107 0.86 31.38 15.69
CA GLY B 107 -0.30 32.25 15.69
C GLY B 107 -0.98 32.34 17.03
N ASN B 108 -2.30 32.55 16.99
CA ASN B 108 -3.09 32.71 18.20
C ASN B 108 -3.49 31.38 18.81
N LYS B 109 -3.42 30.30 18.05
CA LYS B 109 -3.82 28.97 18.50
C LYS B 109 -2.97 27.93 17.76
N THR B 110 -2.77 26.77 18.39
CA THR B 110 -2.25 25.62 17.65
C THR B 110 -3.30 25.15 16.64
N CYS B 111 -2.87 24.36 15.66
CA CYS B 111 -3.80 23.90 14.63
C CYS B 111 -4.99 23.15 15.21
N ALA B 112 -4.81 22.49 16.36
CA ALA B 112 -5.91 21.80 17.03
C ALA B 112 -6.67 22.70 17.99
N GLY B 113 -6.33 23.98 18.08
CA GLY B 113 -7.12 24.92 18.85
C GLY B 113 -6.60 25.28 20.23
N PHE B 114 -5.41 24.84 20.60
CA PHE B 114 -4.87 25.09 21.93
C PHE B 114 -4.05 26.37 21.93
N PRO B 115 -3.63 26.87 23.09
CA PRO B 115 -3.01 28.20 23.14
C PRO B 115 -1.86 28.37 22.16
N GLY B 116 -1.93 29.46 21.36
CA GLY B 116 -0.86 29.84 20.47
C GLY B 116 0.16 30.73 21.15
N SER B 117 1.28 30.96 20.46
CA SER B 117 2.43 31.62 21.05
C SER B 117 2.60 33.09 20.65
N PHE B 118 1.76 33.61 19.76
CA PHE B 118 1.84 35.03 19.43
C PHE B 118 1.60 35.86 20.68
N GLY B 119 2.50 36.82 20.94
CA GLY B 119 2.46 37.61 22.15
C GLY B 119 3.22 37.02 23.33
N TYR B 120 3.71 35.77 23.19
CA TYR B 120 4.40 35.08 24.28
C TYR B 120 5.70 34.44 23.81
N TYR B 121 6.26 34.90 22.70
CA TYR B 121 7.40 34.21 22.09
C TYR B 121 8.54 34.05 23.08
N ASP B 122 8.94 35.14 23.74
CA ASP B 122 10.04 35.07 24.70
C ASP B 122 9.62 34.32 25.96
N ILE B 123 8.37 34.52 26.40
CA ILE B 123 7.87 33.79 27.55
C ILE B 123 7.84 32.29 27.26
N ASP B 124 7.29 31.92 26.10
CA ASP B 124 7.19 30.50 25.79
C ASP B 124 8.57 29.87 25.58
N ALA B 125 9.46 30.56 24.88
CA ALA B 125 10.83 30.06 24.70
C ALA B 125 11.50 29.83 26.05
N GLN B 126 11.42 30.82 26.94
CA GLN B 126 12.03 30.67 28.26
C GLN B 126 11.38 29.53 29.05
N THR B 127 10.05 29.39 28.94
CA THR B 127 9.36 28.30 29.63
C THR B 127 9.87 26.94 29.16
N PHE B 128 9.92 26.75 27.84
CA PHE B 128 10.41 25.50 27.29
C PHE B 128 11.82 25.22 27.78
N ALA B 129 12.68 26.26 27.79
CA ALA B 129 14.07 26.08 28.22
C ALA B 129 14.13 25.67 29.69
N ASP B 130 13.38 26.37 30.55
CA ASP B 130 13.33 26.00 31.97
C ASP B 130 12.86 24.56 32.14
N TRP B 131 11.91 24.12 31.31
CA TRP B 131 11.41 22.76 31.40
C TRP B 131 12.44 21.73 30.97
N GLY B 132 13.47 22.15 30.24
CA GLY B 132 14.43 21.20 29.70
C GLY B 132 14.12 20.74 28.29
N VAL B 133 13.29 21.49 27.55
CA VAL B 133 12.97 21.13 26.18
C VAL B 133 14.21 21.23 25.31
N ASP B 134 14.40 20.26 24.42
CA ASP B 134 15.56 20.21 23.55
C ASP B 134 15.23 20.44 22.07
N LEU B 135 13.94 20.45 21.71
CA LEU B 135 13.53 20.68 20.33
C LEU B 135 12.14 21.29 20.34
N LEU B 136 11.90 22.21 19.39
CA LEU B 136 10.60 22.85 19.19
C LEU B 136 10.18 22.70 17.74
N LYS B 137 9.01 22.10 17.53
CA LYS B 137 8.32 22.13 16.25
C LYS B 137 7.32 23.27 16.31
N PHE B 138 7.39 24.20 15.36
CA PHE B 138 6.64 25.45 15.43
C PHE B 138 5.69 25.51 14.24
N ASP B 139 4.41 25.31 14.51
CA ASP B 139 3.38 25.17 13.50
C ASP B 139 2.88 26.53 13.05
N GLY B 140 2.07 26.56 11.99
CA GLY B 140 1.73 27.83 11.38
C GLY B 140 0.27 28.22 11.32
N CYS B 141 -0.60 27.53 12.04
CA CYS B 141 -2.02 27.85 11.97
C CYS B 141 -2.31 29.18 12.66
N TYR B 142 -3.43 29.78 12.27
CA TYR B 142 -3.97 30.96 12.95
C TYR B 142 -3.00 32.13 12.93
N CYS B 143 -2.36 32.36 11.78
CA CYS B 143 -1.49 33.50 11.59
C CYS B 143 -2.20 34.50 10.67
N ASP B 144 -2.29 35.76 11.13
CA ASP B 144 -3.13 36.75 10.49
C ASP B 144 -2.55 37.31 9.18
N SER B 145 -1.25 37.15 8.96
CA SER B 145 -0.62 37.70 7.76
C SER B 145 0.74 37.06 7.53
N LEU B 146 1.19 37.12 6.27
CA LEU B 146 2.55 36.73 5.92
C LEU B 146 3.58 37.41 6.80
N GLU B 147 3.41 38.73 7.00
CA GLU B 147 4.36 39.46 7.83
C GLU B 147 4.36 38.92 9.25
N ASN B 148 3.18 38.69 9.83
CA ASN B 148 3.10 38.01 11.12
C ASN B 148 3.83 36.67 11.08
N LEU B 149 3.60 35.87 10.02
CA LEU B 149 4.20 34.54 9.95
C LEU B 149 5.73 34.62 10.02
N ALA B 150 6.34 35.41 9.13
CA ALA B 150 7.79 35.52 9.11
C ALA B 150 8.33 36.16 10.39
N ASP B 151 7.70 37.24 10.85
CA ASP B 151 8.16 37.89 12.08
C ASP B 151 8.11 36.91 13.24
N GLY B 152 7.04 36.14 13.35
CA GLY B 152 6.92 35.19 14.46
C GLY B 152 7.98 34.13 14.41
N TYR B 153 8.21 33.54 13.22
CA TYR B 153 9.25 32.52 13.12
C TYR B 153 10.62 33.08 13.49
N LYS B 154 10.95 34.27 12.98
CA LYS B 154 12.22 34.88 13.34
C LYS B 154 12.30 35.19 14.83
N HIS B 155 11.21 35.69 15.39
CA HIS B 155 11.19 36.06 16.79
C HIS B 155 11.38 34.83 17.67
N MET B 156 10.71 33.74 17.34
CA MET B 156 10.88 32.53 18.14
C MET B 156 12.29 31.99 18.02
N SER B 157 12.88 32.04 16.81
CA SER B 157 14.29 31.66 16.67
C SER B 157 15.18 32.48 17.61
N LEU B 158 15.00 33.80 17.61
CA LEU B 158 15.81 34.64 18.49
C LEU B 158 15.52 34.36 19.96
N ALA B 159 14.24 34.17 20.31
CA ALA B 159 13.88 33.98 21.70
C ALA B 159 14.41 32.67 22.24
N LEU B 160 14.42 31.62 21.41
CA LEU B 160 15.06 30.40 21.83
C LEU B 160 16.55 30.64 22.03
N ASN B 161 17.16 31.37 21.10
CA ASN B 161 18.59 31.69 21.26
C ASN B 161 18.86 32.39 22.59
N ARG B 162 17.99 33.33 22.98
CA ARG B 162 18.25 34.15 24.17
C ARG B 162 18.26 33.32 25.44
N THR B 163 17.52 32.20 25.45
CA THR B 163 17.51 31.34 26.62
C THR B 163 18.87 30.75 26.91
N GLY B 164 19.78 30.76 25.94
CA GLY B 164 21.04 30.06 26.10
C GLY B 164 20.96 28.55 26.10
N ARG B 165 19.77 27.96 25.96
CA ARG B 165 19.65 26.51 25.86
C ARG B 165 19.68 26.10 24.40
N SER B 166 20.40 25.01 24.11
CA SER B 166 20.45 24.46 22.77
C SER B 166 19.13 23.76 22.47
N ILE B 167 18.37 24.32 21.52
CA ILE B 167 17.05 23.79 21.15
C ILE B 167 16.96 23.71 19.62
N VAL B 168 16.80 22.49 19.11
CA VAL B 168 16.54 22.34 17.67
C VAL B 168 15.25 23.07 17.32
N TYR B 169 15.28 23.83 16.24
CA TYR B 169 14.14 24.65 15.84
C TYR B 169 13.60 24.11 14.53
N SER B 170 12.42 23.49 14.61
CA SER B 170 11.74 22.87 13.47
C SER B 170 10.59 23.77 13.05
N CYS B 171 10.62 24.26 11.80
CA CYS B 171 9.72 25.32 11.34
C CYS B 171 8.79 24.82 10.26
N GLU B 172 7.54 25.30 10.23
CA GLU B 172 6.67 25.01 9.10
C GLU B 172 6.43 26.25 8.23
N TRP B 173 7.27 27.25 8.38
CA TRP B 173 7.22 28.53 7.67
C TRP B 173 7.00 28.38 6.16
N PRO B 174 7.90 27.71 5.41
CA PRO B 174 7.65 27.61 3.96
C PRO B 174 6.31 26.98 3.60
N LEU B 175 5.91 25.92 4.31
CA LEU B 175 4.62 25.28 4.05
C LEU B 175 3.46 26.27 4.14
N TYR B 176 3.47 27.12 5.16
CA TYR B 176 2.37 28.06 5.35
C TYR B 176 2.51 29.31 4.50
N MET B 177 3.63 29.48 3.79
CA MET B 177 3.75 30.60 2.86
C MET B 177 3.06 30.36 1.51
N TRP B 178 2.90 29.10 1.08
CA TRP B 178 2.49 28.84 -0.30
C TRP B 178 1.14 29.44 -0.70
N PRO B 179 0.12 29.53 0.15
CA PRO B 179 -1.11 30.25 -0.24
C PRO B 179 -0.87 31.67 -0.71
N PHE B 180 0.17 32.35 -0.20
CA PHE B 180 0.38 33.76 -0.45
C PHE B 180 1.50 34.02 -1.44
N GLN B 181 2.72 33.59 -1.12
CA GLN B 181 3.88 33.86 -1.95
C GLN B 181 4.88 32.73 -1.77
N LYS B 182 5.86 32.70 -2.64
CA LYS B 182 6.81 31.60 -2.56
C LYS B 182 7.89 31.91 -1.53
N PRO B 183 8.38 30.88 -0.84
CA PRO B 183 9.32 31.11 0.25
C PRO B 183 10.70 31.53 -0.25
N ASN B 184 11.36 32.32 0.58
CA ASN B 184 12.78 32.64 0.41
C ASN B 184 13.54 31.72 1.36
N TYR B 185 14.20 30.71 0.79
CA TYR B 185 14.82 29.66 1.60
C TYR B 185 16.15 30.09 2.23
N THR B 186 16.80 31.14 1.72
CA THR B 186 18.00 31.66 2.40
C THR B 186 17.64 32.24 3.76
N GLU B 187 16.56 33.02 3.83
CA GLU B 187 16.09 33.54 5.12
C GLU B 187 15.66 32.42 6.05
N ILE B 188 14.79 31.52 5.56
CA ILE B 188 14.32 30.41 6.38
C ILE B 188 15.48 29.65 6.97
N ARG B 189 16.46 29.31 6.12
CA ARG B 189 17.66 28.63 6.60
C ARG B 189 18.36 29.43 7.67
N GLN B 190 18.40 30.76 7.51
CA GLN B 190 19.01 31.60 8.56
C GLN B 190 18.34 31.35 9.91
N TYR B 191 17.03 31.14 9.93
CA TYR B 191 16.34 31.08 11.22
C TYR B 191 16.04 29.66 11.73
N CYS B 192 16.10 28.63 10.88
CA CYS B 192 15.54 27.31 11.21
C CYS B 192 16.53 26.18 11.00
N ASN B 193 16.51 25.17 11.89
CA ASN B 193 17.30 23.94 11.69
C ASN B 193 16.66 23.00 10.65
N HIS B 194 15.33 22.95 10.56
CA HIS B 194 14.72 22.34 9.37
C HIS B 194 13.32 22.86 9.20
N TRP B 195 12.77 22.64 8.01
CA TRP B 195 11.51 23.28 7.65
C TRP B 195 10.64 22.36 6.80
N ARG B 196 9.37 22.28 7.15
CA ARG B 196 8.40 21.53 6.37
C ARG B 196 8.04 22.33 5.11
N ASN B 197 8.10 21.66 3.97
CA ASN B 197 7.84 22.30 2.68
C ASN B 197 6.47 21.99 2.12
N PHE B 198 5.95 20.80 2.42
CA PHE B 198 4.86 20.20 1.67
C PHE B 198 3.82 19.63 2.63
N ALA B 199 2.69 19.20 2.07
CA ALA B 199 1.55 18.74 2.85
C ALA B 199 1.91 17.57 3.76
N ASP B 200 1.15 17.44 4.86
CA ASP B 200 1.36 16.40 5.86
C ASP B 200 1.34 15.01 5.23
N ILE B 201 2.28 14.17 5.64
CA ILE B 201 2.23 12.78 5.20
C ILE B 201 1.04 12.09 5.88
N ASP B 202 0.50 11.06 5.21
CA ASP B 202 -0.36 10.13 5.96
C ASP B 202 0.08 8.70 5.69
N ASP B 203 -0.71 7.72 6.13
CA ASP B 203 -0.29 6.33 6.09
C ASP B 203 -0.66 5.68 4.74
N SER B 204 -0.07 6.20 3.65
CA SER B 204 -0.45 5.75 2.31
C SER B 204 0.71 5.91 1.34
N TRP B 205 0.74 5.01 0.35
CA TRP B 205 1.67 5.13 -0.77
C TRP B 205 1.36 6.38 -1.60
N LYS B 206 0.07 6.70 -1.77
CA LYS B 206 -0.29 7.94 -2.46
C LYS B 206 0.45 9.14 -1.87
N SER B 207 0.55 9.21 -0.55
CA SER B 207 1.21 10.32 0.13
C SER B 207 2.72 10.32 -0.14
N ILE B 208 3.37 9.15 -0.04
CA ILE B 208 4.79 9.04 -0.38
C ILE B 208 5.04 9.56 -1.79
N LYS B 209 4.22 9.10 -2.75
CA LYS B 209 4.38 9.53 -4.13
C LYS B 209 4.21 11.04 -4.26
N SER B 210 3.20 11.60 -3.59
CA SER B 210 2.96 13.03 -3.68
C SER B 210 4.17 13.82 -3.16
N ILE B 211 4.72 13.41 -2.03
CA ILE B 211 5.89 14.08 -1.44
C ILE B 211 7.09 13.99 -2.37
N LEU B 212 7.39 12.78 -2.88
CA LEU B 212 8.53 12.62 -3.78
C LEU B 212 8.37 13.45 -5.05
N ASP B 213 7.17 13.45 -5.63
CA ASP B 213 6.93 14.16 -6.87
C ASP B 213 7.00 15.67 -6.67
N TRP B 214 6.49 16.17 -5.54
CA TRP B 214 6.65 17.59 -5.25
C TRP B 214 8.12 17.93 -5.10
N THR B 215 8.87 17.07 -4.40
CA THR B 215 10.27 17.35 -4.13
C THR B 215 11.07 17.38 -5.43
N SER B 216 10.88 16.39 -6.29
CA SER B 216 11.63 16.36 -7.54
C SER B 216 11.17 17.47 -8.46
N PHE B 217 9.89 17.81 -8.45
CA PHE B 217 9.42 18.92 -9.28
C PHE B 217 10.04 20.24 -8.83
N ASN B 218 10.28 20.40 -7.53
CA ASN B 218 10.77 21.66 -6.99
C ASN B 218 12.24 21.61 -6.63
N GLN B 219 12.98 20.63 -7.15
CA GLN B 219 14.31 20.35 -6.58
C GLN B 219 15.32 21.46 -6.88
N GLU B 220 15.20 22.14 -8.01
CA GLU B 220 16.12 23.25 -8.26
C GLU B 220 15.95 24.36 -7.24
N ARG B 221 14.79 24.47 -6.61
CA ARG B 221 14.55 25.51 -5.62
C ARG B 221 15.00 25.14 -4.21
N ILE B 222 15.03 23.85 -3.85
CA ILE B 222 15.24 23.48 -2.46
C ILE B 222 16.50 22.65 -2.23
N VAL B 223 17.05 21.92 -3.22
CA VAL B 223 18.07 20.94 -2.90
C VAL B 223 19.35 21.62 -2.40
N ASP B 224 19.80 22.67 -3.08
CA ASP B 224 21.06 23.31 -2.68
C ASP B 224 20.93 24.13 -1.39
N VAL B 225 19.73 24.52 -1.00
CA VAL B 225 19.56 25.22 0.27
C VAL B 225 19.99 24.35 1.44
N ALA B 226 19.79 23.04 1.35
CA ALA B 226 19.98 22.13 2.46
C ALA B 226 21.46 21.88 2.72
N GLY B 227 21.77 21.58 3.98
CA GLY B 227 23.13 21.32 4.42
C GLY B 227 23.21 21.32 5.94
N PRO B 228 24.40 21.05 6.48
CA PRO B 228 24.55 20.99 7.94
C PRO B 228 23.95 22.21 8.61
N GLY B 229 23.07 21.95 9.59
CA GLY B 229 22.43 23.01 10.33
C GLY B 229 21.06 23.42 9.82
N GLY B 230 20.69 23.04 8.59
CA GLY B 230 19.41 23.41 8.00
C GLY B 230 18.94 22.44 6.91
N TRP B 231 17.83 21.73 7.14
CA TRP B 231 17.42 20.66 6.24
C TRP B 231 16.00 20.88 5.73
N ASN B 232 15.73 20.38 4.52
CA ASN B 232 14.36 20.23 4.08
C ASN B 232 13.68 19.10 4.85
N ASP B 233 12.45 19.33 5.26
CA ASP B 233 11.72 18.32 6.02
C ASP B 233 10.54 17.81 5.19
N PRO B 234 10.63 16.61 4.62
CA PRO B 234 9.50 16.04 3.87
C PRO B 234 8.48 15.31 4.73
N ASP B 235 8.59 15.44 6.06
CA ASP B 235 7.66 14.93 7.05
C ASP B 235 8.04 13.52 7.52
N MET B 236 7.24 12.96 8.42
CA MET B 236 7.62 11.81 9.24
C MET B 236 7.79 10.52 8.44
N LEU B 237 8.62 9.62 8.96
CA LEU B 237 8.62 8.23 8.51
C LEU B 237 7.39 7.53 9.03
N VAL B 238 6.68 6.82 8.15
CA VAL B 238 5.47 6.11 8.56
C VAL B 238 5.65 4.60 8.43
N ILE B 239 6.90 4.15 8.29
CA ILE B 239 7.21 2.73 8.33
C ILE B 239 6.80 2.15 9.69
N GLY B 240 6.24 0.95 9.68
CA GLY B 240 5.78 0.30 10.88
C GLY B 240 4.31 0.46 11.16
N ASN B 241 3.56 1.19 10.33
CA ASN B 241 2.14 1.42 10.54
C ASN B 241 1.36 0.46 9.64
N PHE B 242 0.41 0.92 8.83
CA PHE B 242 -0.58 0.00 8.26
C PHE B 242 -0.74 0.10 6.76
N GLY B 243 -0.39 1.23 6.14
CA GLY B 243 -0.80 1.45 4.77
C GLY B 243 0.23 1.21 3.70
N LEU B 244 1.49 0.97 4.08
CA LEU B 244 2.55 0.74 3.11
C LEU B 244 2.88 -0.74 3.01
N SER B 245 3.03 -1.23 1.78
CA SER B 245 3.59 -2.55 1.58
C SER B 245 5.07 -2.54 1.92
N TRP B 246 5.65 -3.72 2.05
CA TRP B 246 7.09 -3.80 2.32
C TRP B 246 7.91 -2.99 1.31
N ASN B 247 7.57 -3.11 0.02
CA ASN B 247 8.34 -2.37 -0.99
C ASN B 247 8.13 -0.86 -0.87
N GLN B 248 6.93 -0.42 -0.51
CA GLN B 248 6.70 1.00 -0.29
C GLN B 248 7.44 1.51 0.94
N GLN B 249 7.54 0.68 1.99
CA GLN B 249 8.33 1.07 3.16
C GLN B 249 9.81 1.22 2.79
N VAL B 250 10.33 0.26 2.02
CA VAL B 250 11.71 0.36 1.54
C VAL B 250 11.91 1.66 0.75
N THR B 251 10.95 1.99 -0.13
CA THR B 251 11.07 3.23 -0.89
C THR B 251 11.13 4.44 0.05
N GLN B 252 10.29 4.47 1.08
CA GLN B 252 10.36 5.66 1.95
C GLN B 252 11.71 5.74 2.64
N MET B 253 12.21 4.62 3.16
CA MET B 253 13.47 4.67 3.90
C MET B 253 14.61 5.09 2.99
N ALA B 254 14.72 4.44 1.83
CA ALA B 254 15.75 4.78 0.85
C ALA B 254 15.70 6.25 0.47
N LEU B 255 14.52 6.76 0.13
CA LEU B 255 14.47 8.12 -0.43
C LEU B 255 14.63 9.17 0.65
N TRP B 256 14.20 8.88 1.89
CA TRP B 256 14.49 9.84 2.96
C TRP B 256 15.99 9.89 3.24
N ALA B 257 16.72 8.78 3.04
CA ALA B 257 18.18 8.83 3.09
C ALA B 257 18.74 9.69 1.96
N ILE B 258 18.30 9.43 0.73
CA ILE B 258 18.73 10.22 -0.43
C ILE B 258 18.51 11.71 -0.19
N MET B 259 17.36 12.06 0.42
CA MET B 259 16.98 13.47 0.55
C MET B 259 17.61 14.19 1.74
N ALA B 260 18.47 13.54 2.54
CA ALA B 260 18.99 14.16 3.77
C ALA B 260 17.84 14.71 4.63
N ALA B 261 16.77 13.92 4.73
CA ALA B 261 15.61 14.27 5.51
C ALA B 261 15.87 14.05 7.01
N PRO B 262 15.33 14.89 7.88
CA PRO B 262 15.18 14.47 9.28
C PRO B 262 14.40 13.16 9.30
N LEU B 263 14.78 12.25 10.19
CA LEU B 263 14.12 10.94 10.30
C LEU B 263 13.32 10.93 11.60
N PHE B 264 12.07 11.39 11.52
CA PHE B 264 11.16 11.33 12.66
C PHE B 264 10.16 10.21 12.40
N MET B 265 10.37 9.06 13.05
CA MET B 265 9.37 7.99 13.01
C MET B 265 8.06 8.45 13.66
N SER B 266 6.94 8.07 13.07
CA SER B 266 5.65 8.22 13.73
C SER B 266 4.94 6.89 13.61
N ASN B 267 5.02 6.09 14.66
CA ASN B 267 4.55 4.71 14.67
C ASN B 267 4.32 4.35 16.14
N ASP B 268 4.02 3.10 16.42
CA ASP B 268 3.87 2.67 17.81
C ASP B 268 4.97 1.66 18.08
N LEU B 269 6.00 2.09 18.81
CA LEU B 269 7.15 1.23 19.05
C LEU B 269 6.78 0.01 19.87
N ARG B 270 5.62 0.03 20.52
CA ARG B 270 5.16 -1.12 21.28
C ARG B 270 4.60 -2.22 20.40
N HIS B 271 4.22 -1.90 19.14
CA HIS B 271 3.56 -2.83 18.22
C HIS B 271 4.15 -2.58 16.83
N ILE B 272 5.30 -3.16 16.55
CA ILE B 272 6.00 -2.94 15.29
C ILE B 272 6.66 -4.25 14.85
N SER B 273 6.52 -4.58 13.56
CA SER B 273 7.01 -5.87 13.08
C SER B 273 8.54 -5.90 13.13
N PRO B 274 9.12 -7.10 13.26
CA PRO B 274 10.59 -7.21 13.15
C PRO B 274 11.14 -6.69 11.83
N GLN B 275 10.42 -6.90 10.71
CA GLN B 275 10.87 -6.39 9.42
C GLN B 275 10.95 -4.86 9.41
N ALA B 276 9.90 -4.20 9.91
CA ALA B 276 9.88 -2.73 9.94
C ALA B 276 10.98 -2.19 10.84
N LYS B 277 11.16 -2.83 12.00
CA LYS B 277 12.21 -2.39 12.91
C LYS B 277 13.58 -2.53 12.28
N ALA B 278 13.83 -3.65 11.60
CA ALA B 278 15.14 -3.86 10.97
C ALA B 278 15.40 -2.86 9.84
N LEU B 279 14.36 -2.52 9.06
CA LEU B 279 14.53 -1.48 8.04
C LEU B 279 14.80 -0.10 8.68
N LEU B 280 13.99 0.30 9.66
CA LEU B 280 14.19 1.60 10.31
C LEU B 280 15.54 1.68 11.04
N GLN B 281 16.06 0.57 11.51
CA GLN B 281 17.35 0.54 12.21
C GLN B 281 18.51 0.18 11.30
N ASP B 282 18.29 0.14 9.98
CA ASP B 282 19.33 -0.29 9.05
C ASP B 282 20.55 0.61 9.12
N LYS B 283 21.67 0.07 9.61
CA LYS B 283 22.86 0.88 9.89
C LYS B 283 23.41 1.57 8.63
N ASP B 284 23.46 0.85 7.51
CA ASP B 284 24.05 1.39 6.29
C ASP B 284 23.19 2.49 5.69
N VAL B 285 21.86 2.35 5.77
CA VAL B 285 20.98 3.38 5.22
C VAL B 285 20.96 4.61 6.11
N ILE B 286 20.91 4.43 7.43
CA ILE B 286 21.03 5.56 8.35
C ILE B 286 22.35 6.29 8.12
N ALA B 287 23.43 5.53 7.89
CA ALA B 287 24.71 6.16 7.61
C ALA B 287 24.66 7.02 6.35
N ILE B 288 23.89 6.60 5.34
CA ILE B 288 23.72 7.49 4.19
C ILE B 288 22.98 8.76 4.62
N ASN B 289 21.81 8.61 5.26
CA ASN B 289 21.07 9.79 5.69
C ASN B 289 21.93 10.73 6.52
N GLN B 290 22.76 10.16 7.40
CA GLN B 290 23.60 10.90 8.34
C GLN B 290 24.98 11.25 7.77
N ASP B 291 25.17 11.18 6.46
CA ASP B 291 26.50 11.40 5.90
C ASP B 291 27.02 12.79 6.26
N PRO B 292 28.25 12.91 6.77
CA PRO B 292 28.71 14.22 7.28
C PRO B 292 28.84 15.32 6.22
N LEU B 293 29.03 14.99 4.94
CA LEU B 293 29.03 16.03 3.91
C LEU B 293 27.71 16.81 3.90
N GLY B 294 26.58 16.12 4.15
CA GLY B 294 25.34 16.85 4.30
C GLY B 294 24.81 17.53 3.05
N LYS B 295 25.08 16.97 1.87
CA LYS B 295 24.53 17.48 0.62
C LYS B 295 23.32 16.64 0.22
N GLN B 296 22.18 17.30 0.06
CA GLN B 296 20.95 16.60 -0.29
C GLN B 296 21.03 16.02 -1.70
N GLY B 297 20.43 14.85 -1.88
CA GLY B 297 20.36 14.24 -3.20
C GLY B 297 19.23 14.80 -4.04
N TYR B 298 19.02 14.18 -5.19
CA TYR B 298 18.15 14.74 -6.21
C TYR B 298 17.73 13.65 -7.17
N GLN B 299 16.72 13.98 -7.99
CA GLN B 299 16.28 13.08 -9.05
C GLN B 299 17.16 13.31 -10.27
N LEU B 300 17.88 12.27 -10.66
CA LEU B 300 18.76 12.33 -11.83
C LEU B 300 17.99 12.12 -13.11
N ARG B 301 17.10 11.11 -13.14
CA ARG B 301 16.41 10.73 -14.36
C ARG B 301 14.98 10.30 -14.02
N GLN B 302 14.08 10.49 -14.97
CA GLN B 302 12.72 9.97 -14.81
C GLN B 302 12.21 9.61 -16.20
N GLY B 303 11.58 8.44 -16.31
CA GLY B 303 10.99 8.05 -17.57
C GLY B 303 10.58 6.59 -17.61
N ASP B 304 9.56 6.26 -18.40
CA ASP B 304 9.09 4.89 -18.53
C ASP B 304 8.70 4.30 -17.17
N ASN B 305 8.10 5.12 -16.33
CA ASN B 305 7.71 4.75 -14.97
C ASN B 305 8.90 4.26 -14.14
N PHE B 306 10.10 4.77 -14.42
CA PHE B 306 11.26 4.62 -13.55
C PHE B 306 11.70 5.97 -13.06
N GLU B 307 12.32 5.99 -11.87
CA GLU B 307 13.07 7.15 -11.41
C GLU B 307 14.44 6.71 -10.93
N VAL B 308 15.44 7.56 -11.20
CA VAL B 308 16.78 7.39 -10.64
C VAL B 308 17.10 8.65 -9.86
N TRP B 309 17.40 8.49 -8.58
CA TRP B 309 17.87 9.53 -7.70
C TRP B 309 19.30 9.21 -7.27
N GLU B 310 20.04 10.23 -6.87
CA GLU B 310 21.36 9.96 -6.31
C GLU B 310 21.73 11.07 -5.33
N ARG B 311 22.66 10.76 -4.46
CA ARG B 311 23.10 11.67 -3.42
C ARG B 311 24.62 11.58 -3.28
N PRO B 312 25.34 12.68 -3.45
CA PRO B 312 26.79 12.66 -3.20
C PRO B 312 27.09 12.52 -1.72
N LEU B 313 28.04 11.64 -1.40
CA LEU B 313 28.44 11.36 -0.03
C LEU B 313 29.89 11.77 0.17
N SER B 314 30.30 11.79 1.44
CA SER B 314 31.69 12.10 1.77
C SER B 314 32.62 11.14 1.06
N GLY B 315 33.78 11.65 0.68
CA GLY B 315 34.84 10.77 0.24
C GLY B 315 34.60 10.14 -1.11
N LEU B 316 33.99 10.87 -2.05
CA LEU B 316 33.77 10.43 -3.43
C LEU B 316 32.86 9.22 -3.53
N ALA B 317 32.04 8.98 -2.52
CA ALA B 317 31.04 7.93 -2.57
C ALA B 317 29.70 8.51 -2.97
N TRP B 318 28.82 7.66 -3.48
CA TRP B 318 27.47 8.09 -3.88
C TRP B 318 26.45 7.05 -3.48
N ALA B 319 25.27 7.51 -3.10
CA ALA B 319 24.12 6.61 -2.99
C ALA B 319 23.24 6.79 -4.22
N VAL B 320 22.69 5.69 -4.74
CA VAL B 320 21.85 5.71 -5.93
C VAL B 320 20.58 4.93 -5.62
N ALA B 321 19.43 5.49 -5.95
CA ALA B 321 18.15 4.84 -5.71
C ALA B 321 17.38 4.73 -7.04
N MET B 322 16.84 3.55 -7.31
CA MET B 322 16.07 3.31 -8.53
C MET B 322 14.70 2.85 -8.11
N ILE B 323 13.67 3.60 -8.56
CA ILE B 323 12.29 3.39 -8.14
C ILE B 323 11.52 2.90 -9.37
N ASN B 324 10.70 1.86 -9.16
CA ASN B 324 9.79 1.35 -10.19
C ASN B 324 8.42 1.88 -9.83
N ARG B 325 7.92 2.84 -10.63
CA ARG B 325 6.65 3.47 -10.38
C ARG B 325 5.50 2.80 -11.11
N GLN B 326 5.77 1.73 -11.87
CA GLN B 326 4.72 0.96 -12.52
C GLN B 326 4.05 0.07 -11.47
N GLU B 327 2.73 0.20 -11.31
CA GLU B 327 2.05 -0.47 -10.21
C GLU B 327 1.27 -1.69 -10.67
N ILE B 328 1.87 -2.45 -11.59
CA ILE B 328 1.27 -3.66 -12.13
C ILE B 328 2.41 -4.54 -12.62
N GLY B 329 2.17 -5.84 -12.70
CA GLY B 329 3.20 -6.74 -13.21
C GLY B 329 4.24 -7.08 -12.16
N GLY B 330 5.47 -7.32 -12.64
CA GLY B 330 6.50 -7.87 -11.79
C GLY B 330 7.75 -7.02 -11.77
N PRO B 331 8.84 -7.52 -11.18
CA PRO B 331 10.09 -6.74 -11.12
C PRO B 331 10.52 -6.36 -12.52
N ARG B 332 10.94 -5.12 -12.71
CA ARG B 332 11.27 -4.64 -14.03
C ARG B 332 12.77 -4.40 -14.13
N SER B 333 13.33 -4.77 -15.27
CA SER B 333 14.76 -4.60 -15.51
C SER B 333 15.09 -3.12 -15.79
N TYR B 334 16.20 -2.65 -15.22
CA TYR B 334 16.68 -1.31 -15.48
C TYR B 334 18.20 -1.34 -15.58
N THR B 335 18.75 -0.77 -16.65
CA THR B 335 20.20 -0.76 -16.86
C THR B 335 20.66 0.68 -17.06
N ILE B 336 21.84 0.99 -16.53
CA ILE B 336 22.38 2.34 -16.69
C ILE B 336 23.90 2.24 -16.74
N ALA B 337 24.50 3.09 -17.56
CA ALA B 337 25.96 3.15 -17.59
C ALA B 337 26.43 3.75 -16.28
N VAL B 338 27.42 3.12 -15.64
CA VAL B 338 27.85 3.65 -14.36
C VAL B 338 28.49 5.02 -14.53
N ALA B 339 29.01 5.30 -15.73
CA ALA B 339 29.55 6.63 -16.01
C ALA B 339 28.49 7.72 -15.91
N SER B 340 27.21 7.36 -16.06
CA SER B 340 26.16 8.35 -15.88
C SER B 340 25.86 8.67 -14.42
N LEU B 341 26.38 7.87 -13.49
CA LEU B 341 26.07 8.09 -12.07
C LEU B 341 27.15 8.95 -11.42
N GLY B 342 26.74 9.66 -10.36
CA GLY B 342 27.66 10.43 -9.56
C GLY B 342 28.44 11.44 -10.35
N LYS B 343 27.82 12.04 -11.37
CA LYS B 343 28.45 13.03 -12.24
C LYS B 343 29.68 12.46 -12.94
N GLY B 344 29.68 11.17 -13.25
CA GLY B 344 30.86 10.58 -13.87
C GLY B 344 32.08 10.49 -12.98
N VAL B 345 31.93 10.78 -11.70
CA VAL B 345 33.03 10.74 -10.74
C VAL B 345 33.02 9.45 -9.93
N ALA B 346 31.81 8.96 -9.61
CA ALA B 346 31.68 7.84 -8.68
C ALA B 346 32.52 6.64 -9.10
N CYS B 347 32.53 6.33 -10.40
CA CYS B 347 33.14 5.10 -10.89
C CYS B 347 34.34 5.38 -11.78
N ASN B 348 35.04 6.49 -11.51
CA ASN B 348 36.25 6.83 -12.25
C ASN B 348 37.45 6.71 -11.32
N PRO B 349 38.36 5.73 -11.51
CA PRO B 349 38.38 4.79 -12.64
C PRO B 349 37.48 3.58 -12.41
N ALA B 350 37.13 3.28 -11.16
CA ALA B 350 36.18 2.22 -10.90
C ALA B 350 35.39 2.57 -9.65
N CYS B 351 34.34 1.80 -9.40
CA CYS B 351 33.66 1.88 -8.11
C CYS B 351 33.32 0.46 -7.67
N PHE B 352 33.28 0.28 -6.36
CA PHE B 352 32.72 -0.92 -5.76
C PHE B 352 31.28 -0.60 -5.37
N ILE B 353 30.34 -1.44 -5.82
CA ILE B 353 28.91 -1.19 -5.66
C ILE B 353 28.35 -2.22 -4.70
N THR B 354 27.69 -1.73 -3.65
CA THR B 354 27.00 -2.56 -2.67
C THR B 354 25.52 -2.20 -2.74
N GLN B 355 24.68 -3.18 -3.04
CA GLN B 355 23.24 -2.99 -2.87
C GLN B 355 22.91 -3.04 -1.38
N LEU B 356 22.17 -2.04 -0.89
CA LEU B 356 21.71 -1.97 0.50
C LEU B 356 20.25 -2.37 0.65
N LEU B 357 19.37 -1.99 -0.28
CA LEU B 357 17.96 -2.32 -0.24
C LEU B 357 17.53 -2.82 -1.62
N PRO B 358 16.56 -3.75 -1.69
CA PRO B 358 15.76 -4.30 -0.58
C PRO B 358 16.54 -5.27 0.33
N VAL B 359 17.62 -5.85 -0.17
CA VAL B 359 18.50 -6.72 0.62
C VAL B 359 19.93 -6.27 0.37
N LYS B 360 20.81 -6.54 1.34
CA LYS B 360 22.20 -6.13 1.24
C LYS B 360 23.01 -7.20 0.51
N ARG B 361 23.70 -6.79 -0.55
CA ARG B 361 24.56 -7.72 -1.27
C ARG B 361 25.62 -6.95 -2.02
N LYS B 362 26.86 -7.44 -1.94
CA LYS B 362 27.95 -6.84 -2.70
C LYS B 362 27.78 -7.19 -4.18
N LEU B 363 27.80 -6.18 -5.05
CA LEU B 363 27.71 -6.44 -6.48
C LEU B 363 29.06 -6.48 -7.18
N GLY B 364 30.07 -5.81 -6.66
CA GLY B 364 31.43 -5.95 -7.13
C GLY B 364 31.99 -4.68 -7.75
N PHE B 365 33.11 -4.86 -8.46
CA PHE B 365 33.82 -3.74 -9.08
C PHE B 365 33.21 -3.44 -10.45
N TYR B 366 32.93 -2.16 -10.68
CA TYR B 366 32.44 -1.68 -11.97
C TYR B 366 33.40 -0.61 -12.47
N GLU B 367 34.06 -0.89 -13.59
CA GLU B 367 34.94 0.09 -14.20
C GLU B 367 34.10 1.18 -14.86
N TRP B 368 34.76 2.31 -15.15
CA TRP B 368 34.05 3.50 -15.63
C TRP B 368 33.19 3.23 -16.86
N THR B 369 33.59 2.31 -17.74
CA THR B 369 32.85 2.09 -18.99
C THR B 369 31.75 1.04 -18.85
N SER B 370 31.53 0.50 -17.66
CA SER B 370 30.64 -0.65 -17.54
C SER B 370 29.20 -0.21 -17.32
N ARG B 371 28.30 -1.21 -17.31
CA ARG B 371 26.87 -0.99 -17.11
C ARG B 371 26.39 -1.75 -15.89
N LEU B 372 25.51 -1.12 -15.14
CA LEU B 372 24.86 -1.70 -13.98
C LEU B 372 23.44 -2.12 -14.37
N ARG B 373 23.10 -3.36 -14.05
CA ARG B 373 21.80 -3.94 -14.39
C ARG B 373 21.10 -4.35 -13.10
N SER B 374 19.85 -3.92 -12.93
CA SER B 374 19.10 -4.25 -11.72
C SER B 374 17.67 -4.61 -12.09
N HIS B 375 16.97 -5.22 -11.15
CA HIS B 375 15.52 -5.45 -11.27
C HIS B 375 14.84 -4.81 -10.07
N ILE B 376 13.80 -4.02 -10.32
CA ILE B 376 13.16 -3.26 -9.25
C ILE B 376 11.68 -3.67 -9.16
N ASN B 377 11.25 -4.01 -7.95
CA ASN B 377 9.87 -4.39 -7.68
C ASN B 377 8.91 -3.22 -7.89
N PRO B 378 7.66 -3.50 -8.31
CA PRO B 378 6.65 -2.44 -8.38
C PRO B 378 6.47 -1.74 -7.05
N THR B 379 6.54 -0.39 -7.08
CA THR B 379 6.49 0.55 -5.95
C THR B 379 7.69 0.42 -5.03
N GLY B 380 8.66 -0.41 -5.39
CA GLY B 380 9.86 -0.61 -4.61
C GLY B 380 11.02 0.22 -5.15
N THR B 381 12.13 0.16 -4.40
CA THR B 381 13.35 0.89 -4.69
C THR B 381 14.54 -0.04 -4.49
N VAL B 382 15.50 0.01 -5.40
CA VAL B 382 16.82 -0.56 -5.18
C VAL B 382 17.73 0.58 -4.76
N LEU B 383 18.34 0.46 -3.59
CA LEU B 383 19.28 1.45 -3.09
C LEU B 383 20.69 0.86 -3.13
N LEU B 384 21.62 1.58 -3.74
CA LEU B 384 22.99 1.15 -3.92
C LEU B 384 23.92 2.20 -3.32
N GLN B 385 25.08 1.73 -2.89
CA GLN B 385 26.15 2.61 -2.48
C GLN B 385 27.35 2.32 -3.36
N LEU B 386 27.94 3.39 -3.88
CA LEU B 386 29.04 3.32 -4.82
C LEU B 386 30.25 3.93 -4.12
N GLU B 387 31.34 3.19 -4.06
CA GLU B 387 32.58 3.64 -3.45
C GLU B 387 33.62 3.76 -4.54
N ASN B 388 34.12 4.98 -4.76
CA ASN B 388 35.14 5.20 -5.76
C ASN B 388 36.41 4.45 -5.40
N THR B 389 37.05 3.84 -6.40
CA THR B 389 38.24 3.05 -6.11
C THR B 389 39.16 2.99 -7.33
N MET B 390 40.46 2.83 -7.03
CA MET B 390 41.47 2.52 -8.04
C MET B 390 41.67 1.02 -8.20
N GLN B 391 41.50 0.26 -7.11
CA GLN B 391 41.52 -1.20 -7.21
C GLN B 391 40.51 -1.67 -8.25
N MET B 392 40.84 -2.80 -8.89
CA MET B 392 39.99 -3.51 -9.86
C MET B 392 38.94 -2.66 -10.54
#